data_7CZ3
#
_entry.id   7CZ3
#
_cell.length_a   78.685
_cell.length_b   78.685
_cell.length_c   215.634
_cell.angle_alpha   90.000
_cell.angle_beta   90.000
_cell.angle_gamma   120.000
#
_symmetry.space_group_name_H-M   'P 31'
#
loop_
_entity.id
_entity.type
_entity.pdbx_description
1 polymer 'Acyl-CoA hydrolase'
2 non-polymer 'COENZYME A'
3 water water
#
_entity_poly.entity_id   1
_entity_poly.type   'polypeptide(L)'
_entity_poly.pdbx_seq_one_letter_code
;MEKKFMRESKAIKTTRVFPNDLNNHQTLFGGKLLAEIDSIASIAAARHSRKHCVTASIDSVDFLTPIHQADSVCYEAFVC
YTGKSSMEVFVKVIAENLLAGERRIAATCFITFVAIKDGKPSSVPQVLPETQEEHWLHKTGLERAENRKKGRLKSKEMAE
VLTLSKPWNILEHHHHHH
;
_entity_poly.pdbx_strand_id   A,B,C,D,E,F
#
# COMPACT_ATOMS: atom_id res chain seq x y z
N LYS A 3 -34.74 15.69 9.58
CA LYS A 3 -34.58 16.97 10.30
C LYS A 3 -33.16 17.55 10.09
N LYS A 4 -32.43 17.15 9.04
CA LYS A 4 -31.05 17.63 8.70
C LYS A 4 -30.93 17.90 7.20
N PHE A 5 -29.97 18.76 6.82
CA PHE A 5 -29.80 19.24 5.43
C PHE A 5 -28.72 18.41 4.73
N MET A 6 -28.78 18.37 3.41
CA MET A 6 -27.85 17.59 2.56
C MET A 6 -26.43 18.17 2.69
N ARG A 7 -26.26 19.49 2.72
CA ARG A 7 -24.95 20.17 2.91
C ARG A 7 -24.25 19.62 4.15
N GLU A 8 -25.01 19.25 5.19
CA GLU A 8 -24.43 18.94 6.53
C GLU A 8 -23.57 17.66 6.48
N SER A 9 -23.70 16.88 5.41
CA SER A 9 -22.98 15.59 5.21
C SER A 9 -22.18 15.65 3.91
N LYS A 10 -21.95 16.83 3.36
CA LYS A 10 -21.15 16.93 2.11
C LYS A 10 -19.69 16.66 2.47
N ALA A 11 -18.98 15.98 1.59
CA ALA A 11 -17.55 15.62 1.72
C ALA A 11 -16.90 15.71 0.35
N ILE A 12 -15.75 16.38 0.26
CA ILE A 12 -14.92 16.42 -0.97
C ILE A 12 -13.55 15.82 -0.66
N LYS A 13 -13.13 14.82 -1.45
CA LYS A 13 -11.73 14.32 -1.58
C LYS A 13 -11.22 14.55 -3.01
N THR A 14 -10.32 15.51 -3.21
CA THR A 14 -9.53 15.73 -4.46
C THR A 14 -8.20 14.99 -4.39
N THR A 15 -7.81 14.27 -5.43
CA THR A 15 -6.54 13.50 -5.38
C THR A 15 -5.80 13.51 -6.71
N ARG A 16 -4.62 12.96 -6.63
CA ARG A 16 -3.67 12.75 -7.73
C ARG A 16 -3.87 11.31 -8.16
N VAL A 17 -3.53 10.98 -9.38
CA VAL A 17 -3.58 9.57 -9.87
C VAL A 17 -2.18 9.00 -9.65
N PHE A 18 -2.05 7.79 -9.09
CA PHE A 18 -0.74 7.15 -8.76
C PHE A 18 -0.43 6.00 -9.74
N PRO A 19 0.78 5.95 -10.36
CA PRO A 19 1.14 4.94 -11.36
C PRO A 19 0.70 3.50 -11.09
N ASN A 20 0.60 3.10 -9.82
CA ASN A 20 0.20 1.73 -9.37
C ASN A 20 -1.28 1.44 -9.67
N ASP A 21 -2.08 2.49 -9.94
CA ASP A 21 -3.53 2.36 -10.24
C ASP A 21 -3.77 2.53 -11.74
N LEU A 22 -2.70 2.76 -12.52
CA LEU A 22 -2.76 2.69 -14.01
C LEU A 22 -2.67 1.23 -14.44
N ASN A 23 -3.38 0.87 -15.51
CA ASN A 23 -3.37 -0.49 -16.10
C ASN A 23 -2.40 -0.46 -17.29
N ASN A 24 -2.52 -1.43 -18.19
CA ASN A 24 -1.52 -1.64 -19.26
C ASN A 24 -1.53 -0.44 -20.21
N HIS A 25 -2.68 0.22 -20.35
CA HIS A 25 -2.84 1.38 -21.26
C HIS A 25 -2.58 2.70 -20.53
N GLN A 26 -2.00 2.64 -19.33
CA GLN A 26 -1.70 3.80 -18.47
C GLN A 26 -2.97 4.58 -18.14
N THR A 27 -4.04 3.89 -17.77
CA THR A 27 -5.34 4.53 -17.46
C THR A 27 -5.82 4.02 -16.10
N LEU A 28 -6.48 4.87 -15.30
CA LEU A 28 -6.95 4.42 -13.97
C LEU A 28 -7.87 3.19 -14.08
N PHE A 29 -7.66 2.19 -13.22
CA PHE A 29 -8.58 1.05 -12.97
C PHE A 29 -9.94 1.53 -12.42
N GLY A 30 -10.98 0.81 -12.79
CA GLY A 30 -12.35 0.98 -12.26
C GLY A 30 -12.34 0.76 -10.77
N GLY A 31 -11.67 -0.31 -10.34
CA GLY A 31 -11.58 -0.74 -8.92
C GLY A 31 -11.16 0.40 -8.03
N LYS A 32 -10.12 1.13 -8.46
CA LYS A 32 -9.57 2.26 -7.68
C LYS A 32 -10.73 3.25 -7.48
N LEU A 33 -11.44 3.56 -8.57
CA LEU A 33 -12.55 4.54 -8.52
C LEU A 33 -13.66 4.04 -7.59
N LEU A 34 -14.04 2.77 -7.70
CA LEU A 34 -15.19 2.31 -6.89
C LEU A 34 -14.80 2.43 -5.43
N ALA A 35 -13.54 2.07 -5.15
CA ALA A 35 -12.91 2.06 -3.81
C ALA A 35 -13.03 3.44 -3.16
N GLU A 36 -12.71 4.51 -3.89
CA GLU A 36 -12.80 5.91 -3.37
C GLU A 36 -14.25 6.40 -3.30
N ILE A 37 -15.11 5.97 -4.23
CA ILE A 37 -16.56 6.26 -4.15
C ILE A 37 -17.06 5.69 -2.82
N ASP A 38 -16.69 4.46 -2.47
CA ASP A 38 -17.08 3.83 -1.18
C ASP A 38 -16.50 4.65 -0.02
N SER A 39 -15.24 5.06 -0.16
CA SER A 39 -14.46 5.69 0.93
C SER A 39 -15.11 7.02 1.34
N ILE A 40 -15.31 7.95 0.40
CA ILE A 40 -15.92 9.28 0.65
C ILE A 40 -17.38 9.09 1.08
N ALA A 41 -18.17 8.37 0.26
CA ALA A 41 -19.55 8.03 0.60
C ALA A 41 -19.63 7.66 2.09
N SER A 42 -18.71 6.84 2.60
CA SER A 42 -18.75 6.27 3.98
C SER A 42 -18.62 7.41 4.99
N ILE A 43 -17.85 8.44 4.64
CA ILE A 43 -17.61 9.67 5.47
C ILE A 43 -18.95 10.44 5.48
N ALA A 44 -19.50 10.76 4.29
CA ALA A 44 -20.80 11.45 4.14
C ALA A 44 -21.80 10.78 5.11
N ALA A 45 -22.09 9.50 4.91
CA ALA A 45 -23.03 8.71 5.75
C ALA A 45 -22.68 8.83 7.25
N ALA A 46 -21.40 8.83 7.60
CA ALA A 46 -20.93 9.00 9.00
C ALA A 46 -21.38 10.37 9.50
N ARG A 47 -20.88 11.45 8.88
CA ARG A 47 -21.23 12.85 9.25
C ARG A 47 -22.73 12.90 9.56
N HIS A 48 -23.53 12.49 8.59
CA HIS A 48 -25.01 12.55 8.65
C HIS A 48 -25.54 11.79 9.86
N SER A 49 -25.40 10.46 9.83
CA SER A 49 -25.99 9.50 10.79
C SER A 49 -25.40 9.73 12.18
N ARG A 50 -24.18 10.26 12.24
CA ARG A 50 -23.37 10.47 13.48
C ARG A 50 -23.18 9.11 14.17
N LYS A 51 -23.23 8.03 13.39
CA LYS A 51 -23.10 6.64 13.86
C LYS A 51 -22.25 5.86 12.86
N HIS A 52 -21.70 4.72 13.27
CA HIS A 52 -20.85 3.89 12.40
C HIS A 52 -21.77 3.16 11.43
N CYS A 53 -21.47 3.22 10.13
CA CYS A 53 -22.30 2.61 9.06
C CYS A 53 -21.50 1.58 8.28
N VAL A 54 -22.21 0.88 7.39
CA VAL A 54 -21.75 -0.26 6.55
C VAL A 54 -22.40 -0.09 5.17
N THR A 55 -21.70 -0.48 4.12
CA THR A 55 -22.18 -0.41 2.72
C THR A 55 -23.18 -1.54 2.46
N ALA A 56 -24.49 -1.23 2.36
CA ALA A 56 -25.56 -2.21 2.04
C ALA A 56 -25.44 -2.65 0.59
N SER A 57 -25.31 -1.68 -0.32
CA SER A 57 -25.40 -1.87 -1.80
C SER A 57 -24.81 -0.66 -2.54
N ILE A 58 -24.45 -0.83 -3.81
CA ILE A 58 -23.95 0.27 -4.68
C ILE A 58 -24.68 0.15 -6.02
N ASP A 59 -25.47 1.17 -6.43
CA ASP A 59 -26.21 1.12 -7.72
C ASP A 59 -25.17 0.87 -8.82
N SER A 60 -25.58 0.53 -10.03
CA SER A 60 -24.66 0.32 -11.18
C SER A 60 -23.91 1.63 -11.39
N VAL A 61 -22.70 1.55 -11.94
CA VAL A 61 -21.84 2.73 -12.23
C VAL A 61 -21.34 2.52 -13.65
N ASP A 62 -21.35 3.59 -14.44
CA ASP A 62 -20.92 3.59 -15.86
C ASP A 62 -19.69 4.49 -15.92
N PHE A 63 -18.57 3.92 -16.38
CA PHE A 63 -17.26 4.60 -16.48
C PHE A 63 -17.35 5.41 -17.75
N LEU A 64 -17.75 6.68 -17.61
CA LEU A 64 -17.99 7.65 -18.72
C LEU A 64 -16.69 8.04 -19.42
N THR A 65 -15.59 8.20 -18.68
CA THR A 65 -14.32 8.71 -19.28
C THR A 65 -13.11 7.94 -18.71
N PRO A 66 -11.99 7.91 -19.47
CA PRO A 66 -10.71 7.43 -18.95
C PRO A 66 -9.95 8.57 -18.26
N ILE A 67 -9.44 8.27 -17.07
CA ILE A 67 -8.62 9.22 -16.26
C ILE A 67 -7.16 8.91 -16.58
N HIS A 68 -6.30 9.92 -16.72
CA HIS A 68 -4.89 9.66 -17.07
C HIS A 68 -3.94 10.06 -15.95
N GLN A 69 -2.64 9.83 -16.16
CA GLN A 69 -1.59 10.13 -15.15
C GLN A 69 -1.55 11.64 -14.85
N ALA A 70 -1.79 12.48 -15.85
CA ALA A 70 -1.71 13.94 -15.71
C ALA A 70 -3.00 14.57 -15.22
N ASP A 71 -3.97 13.76 -14.82
CA ASP A 71 -5.27 14.32 -14.35
C ASP A 71 -5.34 14.22 -12.84
N SER A 72 -6.34 14.91 -12.30
CA SER A 72 -6.67 14.93 -10.87
C SER A 72 -8.12 14.46 -10.75
N VAL A 73 -8.46 13.70 -9.73
CA VAL A 73 -9.85 13.22 -9.60
C VAL A 73 -10.48 13.86 -8.38
N CYS A 74 -11.68 14.41 -8.51
CA CYS A 74 -12.36 15.04 -7.37
C CYS A 74 -13.62 14.21 -7.07
N TYR A 75 -13.79 13.80 -5.82
CA TYR A 75 -14.97 13.02 -5.42
C TYR A 75 -15.77 13.92 -4.50
N GLU A 76 -17.00 14.25 -4.89
CA GLU A 76 -17.95 15.06 -4.08
C GLU A 76 -19.07 14.10 -3.67
N ALA A 77 -19.54 14.12 -2.43
CA ALA A 77 -20.61 13.17 -2.05
C ALA A 77 -21.35 13.64 -0.82
N PHE A 78 -22.67 13.40 -0.81
CA PHE A 78 -23.61 13.74 0.31
C PHE A 78 -24.79 12.78 0.29
N VAL A 79 -25.43 12.65 1.46
CA VAL A 79 -26.72 11.92 1.68
C VAL A 79 -27.80 12.71 0.97
N CYS A 80 -28.57 12.07 0.11
CA CYS A 80 -29.63 12.80 -0.62
C CYS A 80 -30.97 12.11 -0.38
N TYR A 81 -30.96 10.93 0.23
CA TYR A 81 -32.23 10.27 0.55
C TYR A 81 -32.12 9.55 1.88
N THR A 82 -33.25 9.27 2.51
CA THR A 82 -33.19 8.59 3.82
C THR A 82 -34.34 7.61 3.96
N GLY A 83 -34.16 6.63 4.83
CA GLY A 83 -35.17 5.64 5.21
C GLY A 83 -35.22 5.69 6.72
N LYS A 84 -35.08 4.56 7.40
CA LYS A 84 -35.02 4.66 8.89
C LYS A 84 -33.60 4.35 9.41
N SER A 85 -32.89 3.40 8.82
CA SER A 85 -31.44 3.19 9.05
C SER A 85 -30.66 3.39 7.75
N SER A 86 -31.34 3.37 6.59
CA SER A 86 -30.68 3.48 5.26
C SER A 86 -30.35 4.95 4.98
N MET A 87 -29.54 5.19 3.94
CA MET A 87 -29.10 6.51 3.42
C MET A 87 -28.63 6.32 1.97
N GLU A 88 -29.31 6.98 1.01
CA GLU A 88 -28.85 7.10 -0.41
C GLU A 88 -27.75 8.15 -0.39
N VAL A 89 -26.48 7.77 -0.62
CA VAL A 89 -25.38 8.77 -0.77
C VAL A 89 -25.24 8.97 -2.27
N PHE A 90 -25.02 10.20 -2.71
CA PHE A 90 -24.76 10.53 -4.14
C PHE A 90 -23.33 11.06 -4.21
N VAL A 91 -22.58 10.46 -5.12
CA VAL A 91 -21.12 10.68 -5.32
C VAL A 91 -20.94 11.06 -6.78
N LYS A 92 -20.21 12.14 -6.99
CA LYS A 92 -19.93 12.73 -8.32
C LYS A 92 -18.42 12.70 -8.53
N VAL A 93 -17.94 12.17 -9.65
CA VAL A 93 -16.49 11.95 -9.88
C VAL A 93 -16.01 12.86 -11.01
N ILE A 94 -15.46 14.01 -10.68
CA ILE A 94 -14.93 14.94 -11.73
C ILE A 94 -13.46 14.61 -11.97
N ALA A 95 -13.07 14.37 -13.23
CA ALA A 95 -11.66 14.36 -13.69
C ALA A 95 -11.31 15.77 -14.20
N GLU A 96 -10.03 16.13 -14.26
CA GLU A 96 -9.51 17.46 -14.71
C GLU A 96 -8.03 17.30 -15.07
N ASN A 97 -7.64 17.49 -16.34
CA ASN A 97 -6.23 17.59 -16.79
C ASN A 97 -5.61 18.72 -15.98
N LEU A 98 -4.49 18.49 -15.28
CA LEU A 98 -3.80 19.48 -14.39
C LEU A 98 -3.09 20.56 -15.23
N LEU A 99 -2.47 20.19 -16.37
CA LEU A 99 -1.83 21.11 -17.36
C LEU A 99 -2.90 22.04 -17.98
N ALA A 100 -3.87 21.47 -18.70
CA ALA A 100 -4.98 22.21 -19.36
C ALA A 100 -6.09 22.49 -18.33
N GLY A 101 -7.08 23.31 -18.66
CA GLY A 101 -8.12 23.54 -17.66
C GLY A 101 -9.33 22.66 -17.89
N GLU A 102 -9.24 21.75 -18.86
CA GLU A 102 -10.38 20.89 -19.25
C GLU A 102 -10.80 20.01 -18.08
N ARG A 103 -12.11 19.94 -17.81
CA ARG A 103 -12.69 19.13 -16.72
C ARG A 103 -13.82 18.28 -17.30
N ARG A 104 -14.11 17.16 -16.67
CA ARG A 104 -15.23 16.29 -17.13
C ARG A 104 -15.77 15.48 -15.97
N ILE A 105 -17.03 15.06 -16.06
CA ILE A 105 -17.62 14.18 -15.04
C ILE A 105 -17.20 12.78 -15.45
N ALA A 106 -16.54 12.04 -14.56
CA ALA A 106 -16.06 10.69 -14.93
C ALA A 106 -17.16 9.66 -14.67
N ALA A 107 -17.92 9.87 -13.60
CA ALA A 107 -19.04 9.00 -13.19
C ALA A 107 -19.91 9.65 -12.09
N THR A 108 -21.12 9.12 -11.90
CA THR A 108 -22.04 9.39 -10.77
C THR A 108 -22.40 8.01 -10.16
N CYS A 109 -22.83 7.98 -8.91
CA CYS A 109 -23.11 6.71 -8.19
C CYS A 109 -24.05 7.01 -7.03
N PHE A 110 -25.11 6.22 -6.93
CA PHE A 110 -25.97 6.16 -5.71
C PHE A 110 -25.43 4.99 -4.91
N ILE A 111 -25.28 5.17 -3.61
CA ILE A 111 -24.61 4.15 -2.78
C ILE A 111 -25.20 4.24 -1.37
N THR A 112 -25.64 3.09 -0.85
CA THR A 112 -26.62 2.98 0.24
C THR A 112 -25.90 2.51 1.51
N PHE A 113 -25.86 3.34 2.54
CA PHE A 113 -25.22 3.04 3.85
C PHE A 113 -26.29 2.77 4.91
N VAL A 114 -25.95 2.00 5.94
CA VAL A 114 -26.93 1.64 7.00
C VAL A 114 -26.29 1.89 8.36
N ALA A 115 -26.89 2.78 9.15
CA ALA A 115 -26.35 3.08 10.50
C ALA A 115 -26.51 1.84 11.38
N ILE A 116 -25.51 1.54 12.20
CA ILE A 116 -25.61 0.41 13.15
C ILE A 116 -25.20 0.90 14.54
N LYS A 117 -26.12 0.90 15.50
CA LYS A 117 -25.72 1.34 16.86
C LYS A 117 -25.00 0.16 17.51
N ASP A 118 -25.75 -0.89 17.82
CA ASP A 118 -25.12 -2.07 18.46
C ASP A 118 -25.63 -3.32 17.75
N GLY A 119 -24.81 -3.99 16.96
CA GLY A 119 -25.20 -5.25 16.31
C GLY A 119 -26.12 -5.15 15.10
N LYS A 120 -27.22 -4.43 15.21
CA LYS A 120 -28.26 -4.32 14.15
C LYS A 120 -28.48 -2.87 13.77
N PRO A 121 -29.21 -2.60 12.67
CA PRO A 121 -29.44 -1.24 12.16
C PRO A 121 -30.10 -0.28 13.17
N SER A 122 -29.75 1.00 13.08
CA SER A 122 -30.29 2.02 14.02
C SER A 122 -30.95 3.19 13.29
N SER A 123 -31.71 4.00 14.03
CA SER A 123 -32.45 5.16 13.46
C SER A 123 -31.46 6.20 12.95
N VAL A 124 -31.70 6.70 11.76
CA VAL A 124 -30.81 7.69 11.09
C VAL A 124 -31.71 8.84 10.61
N PRO A 125 -31.43 10.10 11.03
CA PRO A 125 -32.20 11.27 10.59
C PRO A 125 -32.60 11.39 9.09
N GLN A 126 -33.74 12.05 8.82
CA GLN A 126 -34.31 12.30 7.46
C GLN A 126 -33.70 13.59 6.89
N VAL A 127 -33.30 13.56 5.61
CA VAL A 127 -32.55 14.69 4.99
C VAL A 127 -33.49 15.62 4.24
N LEU A 128 -33.28 16.93 4.40
CA LEU A 128 -34.11 17.92 3.68
C LEU A 128 -33.23 18.63 2.66
N PRO A 129 -33.56 18.60 1.35
CA PRO A 129 -32.76 19.28 0.35
C PRO A 129 -32.87 20.79 0.52
N GLU A 130 -31.80 21.51 0.22
CA GLU A 130 -31.80 22.99 0.34
C GLU A 130 -31.82 23.61 -1.06
N THR A 131 -30.83 23.31 -1.88
CA THR A 131 -30.70 23.96 -3.21
C THR A 131 -31.59 23.34 -4.28
N GLN A 132 -31.43 23.84 -5.51
CA GLN A 132 -32.25 23.39 -6.66
C GLN A 132 -31.87 21.97 -7.00
N GLU A 133 -30.57 21.73 -7.24
CA GLU A 133 -30.00 20.40 -7.61
C GLU A 133 -30.23 19.40 -6.46
N GLU A 134 -30.31 19.86 -5.22
CA GLU A 134 -30.60 18.99 -4.05
C GLU A 134 -32.08 18.52 -4.12
N HIS A 135 -33.01 19.37 -4.60
CA HIS A 135 -34.45 19.02 -4.87
C HIS A 135 -34.53 17.99 -5.99
N TRP A 136 -33.89 18.30 -7.11
CA TRP A 136 -33.93 17.46 -8.33
C TRP A 136 -33.41 16.06 -8.05
N LEU A 137 -32.66 15.91 -6.97
CA LEU A 137 -32.14 14.56 -6.63
C LEU A 137 -33.04 13.95 -5.57
N HIS A 138 -34.12 14.63 -5.19
CA HIS A 138 -35.04 14.06 -4.18
C HIS A 138 -36.27 13.46 -4.86
N LYS A 139 -36.52 13.86 -6.10
CA LYS A 139 -37.69 13.33 -6.85
C LYS A 139 -37.57 11.81 -6.96
N THR A 140 -36.44 11.33 -7.49
CA THR A 140 -36.24 9.89 -7.74
C THR A 140 -35.94 9.08 -6.47
N GLY A 141 -35.72 9.75 -5.34
CA GLY A 141 -35.40 9.09 -4.06
C GLY A 141 -36.31 7.91 -3.80
N LEU A 142 -37.61 8.16 -3.76
CA LEU A 142 -38.60 7.08 -3.48
C LEU A 142 -38.58 6.07 -4.63
N GLU A 143 -38.46 6.54 -5.86
CA GLU A 143 -38.48 5.61 -7.01
C GLU A 143 -37.30 4.64 -6.92
N ARG A 144 -36.07 5.14 -6.85
CA ARG A 144 -34.92 4.21 -6.89
C ARG A 144 -34.92 3.32 -5.65
N ALA A 145 -35.37 3.87 -4.53
CA ALA A 145 -35.43 3.08 -3.29
C ALA A 145 -36.22 1.78 -3.54
N GLU A 146 -37.38 1.87 -4.20
CA GLU A 146 -38.18 0.65 -4.48
C GLU A 146 -37.41 -0.18 -5.51
N ASN A 147 -37.11 0.45 -6.65
CA ASN A 147 -36.34 -0.10 -7.79
C ASN A 147 -35.21 -0.98 -7.22
N ARG A 148 -34.44 -0.46 -6.27
CA ARG A 148 -33.42 -1.23 -5.53
C ARG A 148 -34.08 -2.33 -4.69
N LYS A 149 -35.11 -2.04 -3.90
CA LYS A 149 -35.74 -3.05 -3.00
C LYS A 149 -35.99 -4.35 -3.77
N LYS A 150 -36.19 -4.24 -5.09
CA LYS A 150 -36.43 -5.40 -5.99
C LYS A 150 -35.09 -6.04 -6.42
N GLY A 151 -34.04 -5.23 -6.60
CA GLY A 151 -32.67 -5.71 -6.88
C GLY A 151 -32.09 -6.60 -5.77
N ARG A 152 -32.25 -6.18 -4.52
CA ARG A 152 -31.72 -6.95 -3.37
C ARG A 152 -32.31 -8.36 -3.41
N LEU A 153 -33.63 -8.47 -3.40
CA LEU A 153 -34.28 -9.81 -3.37
C LEU A 153 -33.78 -10.64 -4.56
N LYS A 154 -33.65 -10.03 -5.73
CA LYS A 154 -33.15 -10.78 -6.90
C LYS A 154 -31.77 -11.34 -6.56
N SER A 155 -30.88 -10.47 -6.09
CA SER A 155 -29.47 -10.81 -5.75
C SER A 155 -29.43 -11.84 -4.60
N LYS A 156 -30.42 -11.79 -3.71
CA LYS A 156 -30.55 -12.65 -2.49
C LYS A 156 -31.04 -14.06 -2.88
N GLU A 157 -31.84 -14.15 -3.93
CA GLU A 157 -32.36 -15.42 -4.49
C GLU A 157 -31.19 -16.13 -5.16
N MET A 158 -30.38 -15.39 -5.92
CA MET A 158 -29.24 -15.97 -6.67
C MET A 158 -28.19 -16.49 -5.69
N ALA A 159 -28.05 -15.83 -4.53
CA ALA A 159 -27.27 -16.34 -3.39
C ALA A 159 -27.68 -17.79 -3.10
N GLU A 160 -28.97 -18.02 -2.79
CA GLU A 160 -29.59 -19.33 -2.46
C GLU A 160 -29.42 -20.34 -3.61
N VAL A 161 -29.60 -19.92 -4.86
CA VAL A 161 -29.35 -20.82 -6.03
C VAL A 161 -27.92 -21.36 -5.94
N LEU A 162 -26.95 -20.53 -5.52
CA LEU A 162 -25.52 -20.93 -5.45
C LEU A 162 -25.26 -21.61 -4.09
N THR A 163 -25.83 -21.11 -3.00
CA THR A 163 -25.64 -21.63 -1.61
C THR A 163 -26.34 -22.99 -1.44
N LEU A 164 -27.65 -23.07 -1.76
CA LEU A 164 -28.54 -24.26 -1.54
C LEU A 164 -28.52 -25.19 -2.76
N SER A 165 -28.06 -24.72 -3.92
CA SER A 165 -27.88 -25.48 -5.19
C SER A 165 -29.20 -25.68 -5.98
N LYS A 166 -30.22 -24.84 -5.73
CA LYS A 166 -31.54 -24.90 -6.43
C LYS A 166 -31.31 -24.85 -7.93
N PRO A 167 -31.96 -25.72 -8.75
CA PRO A 167 -31.75 -25.71 -10.19
C PRO A 167 -32.11 -24.30 -10.66
N TRP A 168 -31.46 -23.86 -11.73
CA TRP A 168 -31.30 -22.41 -12.00
C TRP A 168 -32.67 -21.73 -12.11
N ASN A 169 -33.56 -22.22 -12.97
CA ASN A 169 -34.91 -21.60 -13.11
C ASN A 169 -35.70 -21.80 -11.81
N ILE A 170 -35.89 -20.73 -11.03
CA ILE A 170 -36.80 -20.69 -9.84
C ILE A 170 -37.66 -19.42 -9.91
N GLU B 2 -13.45 -16.67 -34.23
CA GLU B 2 -12.97 -17.77 -33.35
C GLU B 2 -13.88 -17.85 -32.11
N LYS B 3 -13.95 -19.03 -31.47
CA LYS B 3 -14.87 -19.33 -30.35
C LYS B 3 -14.04 -19.85 -29.17
N LYS B 4 -14.60 -19.80 -27.98
CA LYS B 4 -13.86 -19.99 -26.70
C LYS B 4 -14.86 -20.42 -25.63
N PHE B 5 -14.50 -21.44 -24.85
CA PHE B 5 -15.34 -21.96 -23.77
C PHE B 5 -15.25 -21.01 -22.58
N MET B 6 -16.30 -20.93 -21.79
CA MET B 6 -16.38 -19.94 -20.68
C MET B 6 -15.36 -20.33 -19.61
N ARG B 7 -14.88 -21.57 -19.65
CA ARG B 7 -13.87 -22.01 -18.64
C ARG B 7 -12.48 -21.59 -19.09
N GLU B 8 -12.30 -21.26 -20.37
CA GLU B 8 -10.97 -20.86 -20.92
C GLU B 8 -10.53 -19.49 -20.39
N SER B 9 -11.46 -18.77 -19.78
CA SER B 9 -11.24 -17.44 -19.15
C SER B 9 -11.92 -17.46 -17.78
N LYS B 10 -11.31 -18.18 -16.85
CA LYS B 10 -11.76 -18.30 -15.45
C LYS B 10 -10.53 -18.03 -14.61
N ALA B 11 -10.70 -17.24 -13.55
CA ALA B 11 -9.64 -16.72 -12.67
C ALA B 11 -10.17 -16.77 -11.24
N ILE B 12 -9.37 -17.29 -10.32
CA ILE B 12 -9.78 -17.35 -8.89
C ILE B 12 -8.76 -16.57 -8.08
N LYS B 13 -9.25 -15.87 -7.05
CA LYS B 13 -8.37 -15.15 -6.10
C LYS B 13 -8.85 -15.45 -4.67
N THR B 14 -8.13 -16.33 -3.99
CA THR B 14 -8.29 -16.53 -2.53
C THR B 14 -7.32 -15.59 -1.76
N THR B 15 -7.75 -14.99 -0.65
CA THR B 15 -6.94 -14.01 0.14
C THR B 15 -7.43 -13.88 1.58
N ARG B 16 -6.55 -13.38 2.43
CA ARG B 16 -6.89 -13.02 3.83
C ARG B 16 -7.44 -11.60 3.78
N VAL B 17 -8.16 -11.22 4.83
CA VAL B 17 -8.67 -9.85 5.08
C VAL B 17 -7.59 -9.10 5.89
N PHE B 18 -7.05 -8.01 5.36
CA PHE B 18 -5.99 -7.20 6.01
C PHE B 18 -6.66 -6.17 6.93
N PRO B 19 -6.12 -5.85 8.13
CA PRO B 19 -6.80 -4.96 9.08
C PRO B 19 -6.90 -3.47 8.71
N ASN B 20 -6.09 -2.97 7.76
CA ASN B 20 -6.16 -1.56 7.25
C ASN B 20 -7.50 -1.34 6.54
N ASP B 21 -7.93 -2.37 5.82
CA ASP B 21 -9.17 -2.47 5.00
C ASP B 21 -10.38 -2.74 5.90
N LEU B 22 -10.25 -2.64 7.23
CA LEU B 22 -11.38 -2.79 8.20
C LEU B 22 -11.85 -1.41 8.68
N ASN B 23 -13.04 -1.37 9.26
CA ASN B 23 -13.82 -0.13 9.51
C ASN B 23 -14.05 0.02 11.01
N ASN B 24 -15.12 0.72 11.36
CA ASN B 24 -15.53 1.12 12.72
C ASN B 24 -15.82 -0.16 13.55
N HIS B 25 -16.46 -1.15 12.93
CA HIS B 25 -16.82 -2.41 13.65
C HIS B 25 -15.93 -3.58 13.21
N GLN B 26 -14.81 -3.30 12.57
CA GLN B 26 -13.85 -4.32 12.09
C GLN B 26 -14.51 -5.25 11.05
N THR B 27 -15.14 -4.65 10.06
CA THR B 27 -15.77 -5.31 8.89
C THR B 27 -15.13 -4.78 7.60
N LEU B 28 -15.00 -5.63 6.58
CA LEU B 28 -14.34 -5.27 5.31
C LEU B 28 -15.16 -4.18 4.61
N PHE B 29 -14.49 -3.13 4.16
CA PHE B 29 -15.10 -2.01 3.41
C PHE B 29 -15.66 -2.56 2.09
N GLY B 30 -16.88 -2.16 1.71
CA GLY B 30 -17.49 -2.54 0.42
C GLY B 30 -16.54 -2.20 -0.71
N GLY B 31 -15.72 -1.18 -0.51
CA GLY B 31 -14.90 -0.62 -1.58
C GLY B 31 -13.84 -1.61 -1.96
N LYS B 32 -13.28 -2.30 -0.95
CA LYS B 32 -12.11 -3.18 -1.14
C LYS B 32 -12.57 -4.44 -1.85
N LEU B 33 -13.78 -4.92 -1.47
CA LEU B 33 -14.52 -5.96 -2.24
C LEU B 33 -14.64 -5.53 -3.71
N LEU B 34 -15.09 -4.30 -3.95
CA LEU B 34 -15.42 -3.81 -5.32
C LEU B 34 -14.11 -3.66 -6.11
N ALA B 35 -13.02 -3.41 -5.38
CA ALA B 35 -11.65 -3.29 -5.93
C ALA B 35 -11.16 -4.67 -6.35
N GLU B 36 -11.40 -5.66 -5.48
CA GLU B 36 -11.01 -7.07 -5.76
C GLU B 36 -11.85 -7.60 -6.93
N ILE B 37 -13.14 -7.28 -6.98
CA ILE B 37 -14.03 -7.68 -8.11
C ILE B 37 -13.52 -7.04 -9.41
N ASP B 38 -13.13 -5.76 -9.43
CA ASP B 38 -12.68 -5.20 -10.72
C ASP B 38 -11.41 -5.94 -11.17
N SER B 39 -10.49 -6.26 -10.25
CA SER B 39 -9.16 -6.80 -10.60
C SER B 39 -9.28 -8.26 -11.08
N ILE B 40 -9.96 -9.12 -10.34
CA ILE B 40 -10.14 -10.55 -10.76
C ILE B 40 -10.93 -10.57 -12.07
N ALA B 41 -11.94 -9.71 -12.20
CA ALA B 41 -12.87 -9.63 -13.37
C ALA B 41 -12.09 -9.23 -14.64
N SER B 42 -11.12 -8.33 -14.53
CA SER B 42 -10.26 -7.84 -15.65
C SER B 42 -9.32 -8.94 -16.11
N ILE B 43 -8.96 -9.88 -15.23
CA ILE B 43 -8.00 -10.96 -15.61
C ILE B 43 -8.73 -11.90 -16.57
N ALA B 44 -9.90 -12.37 -16.14
CA ALA B 44 -10.84 -13.16 -16.97
C ALA B 44 -10.93 -12.51 -18.35
N ALA B 45 -11.35 -11.24 -18.36
CA ALA B 45 -11.53 -10.41 -19.58
C ALA B 45 -10.25 -10.46 -20.42
N ALA B 46 -9.06 -10.55 -19.80
CA ALA B 46 -7.78 -10.52 -20.54
C ALA B 46 -7.56 -11.89 -21.17
N ARG B 47 -7.78 -12.95 -20.37
CA ARG B 47 -7.60 -14.38 -20.72
C ARG B 47 -8.44 -14.67 -21.97
N HIS B 48 -9.67 -14.18 -21.97
CA HIS B 48 -10.68 -14.47 -23.01
C HIS B 48 -10.35 -13.73 -24.31
N SER B 49 -10.28 -12.41 -24.22
CA SER B 49 -10.06 -11.54 -25.41
C SER B 49 -8.60 -11.55 -25.84
N ARG B 50 -7.69 -11.83 -24.91
CA ARG B 50 -6.23 -11.82 -25.19
C ARG B 50 -5.82 -10.47 -25.79
N LYS B 51 -6.33 -9.37 -25.23
CA LYS B 51 -6.05 -8.00 -25.71
C LYS B 51 -6.25 -7.03 -24.55
N HIS B 52 -5.80 -5.79 -24.70
CA HIS B 52 -5.83 -4.81 -23.57
C HIS B 52 -7.26 -4.29 -23.31
N CYS B 53 -7.89 -4.74 -22.24
CA CYS B 53 -9.24 -4.33 -21.79
C CYS B 53 -9.25 -3.23 -20.73
N VAL B 54 -10.46 -2.80 -20.41
CA VAL B 54 -10.86 -1.56 -19.69
C VAL B 54 -12.27 -1.79 -19.13
N THR B 55 -12.54 -1.38 -17.90
CA THR B 55 -13.85 -1.49 -17.21
C THR B 55 -14.78 -0.38 -17.71
N ALA B 56 -15.94 -0.75 -18.28
CA ALA B 56 -16.91 0.19 -18.89
C ALA B 56 -18.05 0.41 -17.91
N SER B 57 -18.51 -0.66 -17.29
CA SER B 57 -19.59 -0.56 -16.29
C SER B 57 -19.40 -1.71 -15.31
N ILE B 58 -19.96 -1.54 -14.11
CA ILE B 58 -20.27 -2.59 -13.11
C ILE B 58 -21.75 -2.44 -12.78
N ASP B 59 -22.52 -3.54 -12.85
CA ASP B 59 -23.97 -3.53 -12.53
C ASP B 59 -24.09 -3.34 -11.02
N SER B 60 -25.30 -3.24 -10.46
CA SER B 60 -25.50 -2.97 -9.02
C SER B 60 -24.93 -4.20 -8.29
N VAL B 61 -24.41 -4.00 -7.08
CA VAL B 61 -23.87 -5.07 -6.21
C VAL B 61 -24.50 -4.88 -4.84
N ASP B 62 -24.97 -5.98 -4.21
CA ASP B 62 -25.65 -5.98 -2.89
C ASP B 62 -24.80 -6.79 -1.93
N PHE B 63 -24.41 -6.20 -0.79
CA PHE B 63 -23.46 -6.83 0.17
C PHE B 63 -24.30 -7.63 1.15
N LEU B 64 -24.34 -8.95 0.97
CA LEU B 64 -25.31 -9.86 1.62
C LEU B 64 -24.91 -10.14 3.07
N THR B 65 -23.61 -10.17 3.34
CA THR B 65 -23.06 -10.62 4.64
C THR B 65 -21.80 -9.81 5.00
N PRO B 66 -21.64 -9.46 6.30
CA PRO B 66 -20.43 -8.80 6.79
C PRO B 66 -19.20 -9.72 6.94
N ILE B 67 -18.06 -9.27 6.44
CA ILE B 67 -16.76 -10.02 6.38
C ILE B 67 -15.86 -9.56 7.52
N HIS B 68 -15.12 -10.49 8.15
CA HIS B 68 -14.31 -10.23 9.38
C HIS B 68 -12.83 -10.58 9.17
N GLN B 69 -11.99 -10.17 10.11
CA GLN B 69 -10.52 -10.44 10.13
C GLN B 69 -10.24 -11.95 10.12
N ALA B 70 -11.05 -12.75 10.80
CA ALA B 70 -10.93 -14.23 10.80
C ALA B 70 -11.20 -14.79 9.40
N ASP B 71 -12.16 -14.20 8.68
CA ASP B 71 -12.67 -14.75 7.39
C ASP B 71 -11.56 -14.71 6.36
N SER B 72 -11.57 -15.70 5.48
CA SER B 72 -10.93 -15.67 4.15
C SER B 72 -12.00 -15.21 3.14
N VAL B 73 -11.58 -14.89 1.91
CA VAL B 73 -12.46 -14.35 0.84
C VAL B 73 -11.91 -14.83 -0.50
N CYS B 74 -12.76 -15.48 -1.31
CA CYS B 74 -12.45 -16.08 -2.64
C CYS B 74 -13.29 -15.39 -3.72
N TYR B 75 -12.68 -15.04 -4.85
CA TYR B 75 -13.30 -14.29 -5.96
C TYR B 75 -13.16 -15.12 -7.24
N GLU B 76 -14.24 -15.78 -7.62
CA GLU B 76 -14.32 -16.60 -8.85
C GLU B 76 -14.87 -15.69 -9.95
N ALA B 77 -14.35 -15.77 -11.17
CA ALA B 77 -14.70 -14.82 -12.25
C ALA B 77 -14.58 -15.49 -13.62
N PHE B 78 -15.68 -15.57 -14.37
CA PHE B 78 -15.63 -15.93 -15.80
C PHE B 78 -16.43 -14.93 -16.64
N VAL B 79 -16.09 -14.91 -17.93
CA VAL B 79 -16.81 -14.31 -19.08
C VAL B 79 -18.03 -15.19 -19.40
N CYS B 80 -19.26 -14.65 -19.36
CA CYS B 80 -20.48 -15.44 -19.68
C CYS B 80 -21.29 -14.85 -20.83
N TYR B 81 -20.92 -13.70 -21.38
CA TYR B 81 -21.59 -13.10 -22.56
C TYR B 81 -20.60 -12.24 -23.36
N THR B 82 -20.87 -11.96 -24.63
CA THR B 82 -20.04 -11.06 -25.48
C THR B 82 -20.91 -10.36 -26.52
N GLY B 83 -20.61 -9.11 -26.81
CA GLY B 83 -20.98 -8.42 -28.04
C GLY B 83 -19.78 -8.46 -28.97
N LYS B 84 -19.52 -7.36 -29.68
CA LYS B 84 -18.44 -7.25 -30.70
C LYS B 84 -17.13 -7.08 -29.93
N SER B 85 -17.09 -6.08 -29.05
CA SER B 85 -15.91 -5.74 -28.20
C SER B 85 -16.24 -5.89 -26.72
N SER B 86 -17.51 -5.95 -26.34
CA SER B 86 -17.89 -5.97 -24.90
C SER B 86 -17.78 -7.40 -24.35
N MET B 87 -17.39 -7.56 -23.07
CA MET B 87 -17.54 -8.81 -22.27
C MET B 87 -18.26 -8.54 -20.96
N GLU B 88 -19.31 -9.31 -20.69
CA GLU B 88 -19.99 -9.41 -19.37
C GLU B 88 -19.28 -10.53 -18.63
N VAL B 89 -18.65 -10.20 -17.49
CA VAL B 89 -17.90 -11.14 -16.61
C VAL B 89 -18.77 -11.38 -15.40
N PHE B 90 -19.13 -12.64 -15.12
CA PHE B 90 -19.84 -13.03 -13.87
C PHE B 90 -18.77 -13.22 -12.79
N VAL B 91 -19.03 -12.70 -11.60
CA VAL B 91 -18.07 -12.79 -10.47
C VAL B 91 -18.85 -13.21 -9.24
N LYS B 92 -18.44 -14.29 -8.59
CA LYS B 92 -19.11 -14.74 -7.34
C LYS B 92 -18.14 -14.49 -6.18
N VAL B 93 -18.58 -13.87 -5.10
CA VAL B 93 -17.66 -13.65 -3.97
C VAL B 93 -18.11 -14.52 -2.81
N ILE B 94 -17.26 -15.45 -2.39
CA ILE B 94 -17.54 -16.38 -1.24
C ILE B 94 -16.62 -16.01 -0.08
N ALA B 95 -17.15 -15.94 1.14
CA ALA B 95 -16.41 -15.63 2.39
C ALA B 95 -16.33 -16.87 3.25
N GLU B 96 -15.16 -17.47 3.36
CA GLU B 96 -14.93 -18.63 4.26
C GLU B 96 -14.36 -18.12 5.57
N ASN B 97 -15.03 -18.42 6.69
CA ASN B 97 -14.44 -18.37 8.04
C ASN B 97 -13.40 -19.50 8.14
N LEU B 98 -12.15 -19.19 8.45
CA LEU B 98 -11.04 -20.17 8.36
C LEU B 98 -11.19 -21.22 9.47
N LEU B 99 -11.32 -20.77 10.72
CA LEU B 99 -11.33 -21.65 11.92
C LEU B 99 -12.63 -22.47 11.97
N ALA B 100 -13.79 -21.79 11.98
CA ALA B 100 -15.14 -22.40 11.88
C ALA B 100 -15.26 -23.27 10.62
N GLY B 101 -14.64 -22.85 9.50
CA GLY B 101 -14.60 -23.59 8.22
C GLY B 101 -15.78 -23.31 7.29
N GLU B 102 -16.85 -22.67 7.79
CA GLU B 102 -18.19 -22.60 7.14
C GLU B 102 -18.30 -21.42 6.17
N ARG B 103 -18.43 -21.72 4.86
CA ARG B 103 -18.53 -20.77 3.72
C ARG B 103 -19.88 -20.05 3.76
N ARG B 104 -20.01 -18.93 3.04
CA ARG B 104 -21.26 -18.13 2.84
C ARG B 104 -21.06 -17.16 1.68
N ILE B 105 -22.07 -16.98 0.81
CA ILE B 105 -22.01 -16.07 -0.38
C ILE B 105 -22.14 -14.60 0.09
N ALA B 106 -21.19 -13.72 -0.31
CA ALA B 106 -21.05 -12.35 0.22
C ALA B 106 -21.57 -11.31 -0.79
N ALA B 107 -21.24 -11.52 -2.06
CA ALA B 107 -21.68 -10.66 -3.16
C ALA B 107 -21.62 -11.46 -4.45
N THR B 108 -22.49 -11.13 -5.39
CA THR B 108 -22.36 -11.58 -6.80
C THR B 108 -22.42 -10.31 -7.63
N CYS B 109 -21.73 -10.27 -8.76
CA CYS B 109 -21.57 -9.02 -9.54
C CYS B 109 -21.57 -9.34 -11.03
N PHE B 110 -22.36 -8.59 -11.82
CA PHE B 110 -22.18 -8.53 -13.28
C PHE B 110 -21.33 -7.30 -13.58
N ILE B 111 -20.21 -7.47 -14.25
CA ILE B 111 -19.30 -6.33 -14.54
C ILE B 111 -18.89 -6.46 -15.99
N THR B 112 -18.68 -5.34 -16.66
CA THR B 112 -18.65 -5.25 -18.14
C THR B 112 -17.27 -4.73 -18.52
N PHE B 113 -16.49 -5.56 -19.22
CA PHE B 113 -15.16 -5.20 -19.76
C PHE B 113 -15.28 -5.02 -21.27
N VAL B 114 -14.42 -4.15 -21.82
CA VAL B 114 -14.30 -3.87 -23.28
C VAL B 114 -12.84 -3.98 -23.71
N ALA B 115 -12.59 -4.66 -24.81
CA ALA B 115 -11.23 -4.77 -25.38
C ALA B 115 -10.93 -3.47 -26.13
N ILE B 116 -9.66 -3.09 -26.23
CA ILE B 116 -9.29 -1.80 -26.90
C ILE B 116 -8.00 -2.02 -27.70
N LYS B 117 -7.96 -1.58 -28.95
CA LYS B 117 -6.71 -1.72 -29.74
C LYS B 117 -6.41 -0.40 -30.43
N ASP B 118 -5.18 0.08 -30.29
CA ASP B 118 -4.76 1.36 -30.90
C ASP B 118 -5.78 2.42 -30.51
N GLY B 119 -6.30 2.34 -29.30
CA GLY B 119 -7.25 3.35 -28.77
C GLY B 119 -8.67 3.13 -29.21
N LYS B 120 -8.91 2.17 -30.10
CA LYS B 120 -10.30 1.93 -30.57
C LYS B 120 -10.73 0.54 -30.11
N PRO B 121 -12.00 0.31 -29.74
CA PRO B 121 -12.44 -0.99 -29.30
C PRO B 121 -12.22 -2.04 -30.39
N SER B 122 -11.77 -3.23 -29.99
CA SER B 122 -11.49 -4.33 -30.95
C SER B 122 -12.46 -5.49 -30.73
N SER B 123 -12.46 -6.45 -31.67
CA SER B 123 -13.35 -7.62 -31.65
C SER B 123 -12.89 -8.60 -30.56
N VAL B 124 -13.82 -9.41 -30.07
CA VAL B 124 -13.55 -10.42 -29.02
C VAL B 124 -14.27 -11.69 -29.42
N PRO B 125 -13.70 -12.89 -29.23
CA PRO B 125 -14.37 -14.13 -29.60
C PRO B 125 -15.62 -14.34 -28.73
N GLN B 126 -16.67 -14.90 -29.30
CA GLN B 126 -17.87 -15.15 -28.46
C GLN B 126 -17.60 -16.33 -27.54
N VAL B 127 -18.23 -16.34 -26.37
CA VAL B 127 -18.03 -17.42 -25.37
C VAL B 127 -19.21 -18.37 -25.50
N LEU B 128 -18.98 -19.67 -25.34
CA LEU B 128 -20.09 -20.65 -25.42
C LEU B 128 -20.14 -21.48 -24.14
N PRO B 129 -21.29 -21.52 -23.44
CA PRO B 129 -21.41 -22.23 -22.18
C PRO B 129 -21.45 -23.75 -22.33
N GLU B 130 -21.09 -24.45 -21.27
CA GLU B 130 -21.12 -25.92 -21.30
C GLU B 130 -21.38 -26.38 -19.88
N THR B 131 -22.32 -25.72 -19.21
CA THR B 131 -22.74 -26.07 -17.82
C THR B 131 -24.10 -25.42 -17.55
N GLN B 132 -24.97 -26.09 -16.81
CA GLN B 132 -26.31 -25.59 -16.44
C GLN B 132 -26.19 -24.12 -16.05
N GLU B 133 -25.37 -23.83 -15.05
CA GLU B 133 -25.15 -22.44 -14.59
C GLU B 133 -24.64 -21.60 -15.77
N GLU B 134 -23.71 -22.13 -16.54
CA GLU B 134 -23.20 -21.37 -17.69
C GLU B 134 -24.36 -21.04 -18.63
N HIS B 135 -25.10 -22.08 -19.00
CA HIS B 135 -26.23 -21.98 -19.95
C HIS B 135 -27.20 -20.90 -19.48
N TRP B 136 -27.70 -20.98 -18.26
CA TRP B 136 -28.66 -19.98 -17.72
C TRP B 136 -28.08 -18.57 -17.86
N LEU B 137 -26.79 -18.42 -17.56
CA LEU B 137 -26.16 -17.09 -17.65
C LEU B 137 -26.26 -16.65 -19.11
N HIS B 138 -25.89 -17.54 -20.02
CA HIS B 138 -25.90 -17.17 -21.45
C HIS B 138 -27.30 -16.72 -21.84
N LYS B 139 -28.28 -17.59 -21.61
CA LYS B 139 -29.70 -17.33 -21.97
C LYS B 139 -30.10 -15.91 -21.52
N THR B 140 -29.92 -15.65 -20.23
CA THR B 140 -30.28 -14.37 -19.58
C THR B 140 -29.37 -13.22 -19.99
N GLY B 141 -28.19 -13.50 -20.53
CA GLY B 141 -27.25 -12.39 -20.76
C GLY B 141 -27.75 -11.28 -21.67
N LEU B 142 -28.31 -11.60 -22.83
CA LEU B 142 -28.75 -10.57 -23.81
C LEU B 142 -29.67 -9.55 -23.15
N GLU B 143 -30.61 -10.04 -22.35
CA GLU B 143 -31.54 -9.17 -21.60
C GLU B 143 -30.76 -8.08 -20.86
N ARG B 144 -29.73 -8.47 -20.10
CA ARG B 144 -28.92 -7.52 -19.31
C ARG B 144 -28.20 -6.54 -20.22
N ALA B 145 -27.53 -7.04 -21.25
CA ALA B 145 -26.79 -6.18 -22.18
C ALA B 145 -27.70 -5.09 -22.71
N GLU B 146 -28.99 -5.38 -22.80
CA GLU B 146 -29.97 -4.40 -23.34
C GLU B 146 -30.31 -3.39 -22.25
N ASN B 147 -30.71 -3.88 -21.06
CA ASN B 147 -30.97 -3.06 -19.84
C ASN B 147 -29.77 -2.14 -19.51
N ARG B 148 -28.59 -2.47 -20.03
CA ARG B 148 -27.32 -1.74 -19.82
C ARG B 148 -27.19 -0.60 -20.85
N LYS B 149 -27.49 -0.84 -22.14
CA LYS B 149 -27.45 0.20 -23.21
C LYS B 149 -28.34 1.39 -22.77
N LYS B 150 -29.47 1.04 -22.13
CA LYS B 150 -30.49 1.99 -21.59
C LYS B 150 -29.89 2.67 -20.37
N GLY B 151 -29.29 1.89 -19.46
CA GLY B 151 -28.58 2.41 -18.27
C GLY B 151 -27.45 3.38 -18.61
N ARG B 152 -26.65 3.04 -19.62
CA ARG B 152 -25.51 3.89 -20.06
C ARG B 152 -26.03 5.25 -20.45
N LEU B 153 -27.11 5.29 -21.23
CA LEU B 153 -27.72 6.57 -21.68
C LEU B 153 -28.26 7.34 -20.47
N LYS B 154 -28.83 6.64 -19.48
CA LYS B 154 -29.36 7.36 -18.28
C LYS B 154 -28.21 7.97 -17.48
N SER B 155 -27.03 7.34 -17.48
CA SER B 155 -25.82 7.90 -16.83
C SER B 155 -25.31 9.10 -17.62
N LYS B 156 -25.09 8.94 -18.92
CA LYS B 156 -24.60 10.06 -19.78
C LYS B 156 -25.52 11.30 -19.63
N GLU B 157 -26.85 11.13 -19.61
CA GLU B 157 -27.82 12.25 -19.42
C GLU B 157 -27.44 12.99 -18.13
N MET B 158 -27.18 12.26 -17.02
CA MET B 158 -26.86 12.84 -15.67
C MET B 158 -25.53 13.59 -15.68
N ALA B 159 -24.62 13.21 -16.57
CA ALA B 159 -23.33 13.92 -16.68
C ALA B 159 -23.59 15.31 -17.25
N GLU B 160 -24.50 15.39 -18.22
CA GLU B 160 -24.84 16.65 -18.93
C GLU B 160 -25.73 17.55 -18.08
N VAL B 161 -26.72 16.98 -17.40
CA VAL B 161 -27.59 17.82 -16.52
C VAL B 161 -26.69 18.51 -15.50
N LEU B 162 -25.84 17.72 -14.83
CA LEU B 162 -24.95 18.21 -13.75
C LEU B 162 -24.05 19.33 -14.26
N THR B 163 -23.51 19.17 -15.46
CA THR B 163 -22.63 20.18 -16.09
C THR B 163 -23.29 21.55 -15.96
N LEU B 164 -24.53 21.69 -16.43
CA LEU B 164 -25.23 22.97 -16.30
C LEU B 164 -26.24 22.86 -15.16
N GLU C 2 39.23 -4.06 -10.68
CA GLU C 2 39.33 -3.67 -9.23
C GLU C 2 38.40 -4.58 -8.42
N LYS C 3 38.71 -4.76 -7.13
CA LYS C 3 37.88 -5.60 -6.23
C LYS C 3 37.49 -4.75 -5.02
N LYS C 4 36.25 -4.84 -4.55
CA LYS C 4 35.77 -3.99 -3.43
C LYS C 4 36.01 -4.68 -2.08
N PHE C 5 35.68 -4.00 -0.99
CA PHE C 5 36.05 -4.52 0.36
C PHE C 5 34.86 -4.89 1.24
N MET C 6 33.77 -5.47 0.71
CA MET C 6 32.60 -5.95 1.50
C MET C 6 31.78 -4.86 2.21
N ARG C 7 32.37 -3.99 3.04
CA ARG C 7 31.65 -2.92 3.79
C ARG C 7 31.38 -1.69 2.91
N GLU C 8 31.79 -1.72 1.65
CA GLU C 8 31.57 -0.66 0.64
C GLU C 8 30.15 -0.82 0.09
N SER C 9 29.55 -1.99 0.28
CA SER C 9 28.19 -2.26 -0.20
C SER C 9 27.29 -2.58 0.98
N LYS C 10 27.63 -2.14 2.18
CA LYS C 10 26.76 -2.46 3.33
C LYS C 10 25.55 -1.53 3.34
N ALA C 11 24.43 -2.02 3.84
CA ALA C 11 23.18 -1.25 3.91
C ALA C 11 22.40 -1.65 5.16
N ILE C 12 21.89 -0.63 5.89
CA ILE C 12 21.02 -0.81 7.08
C ILE C 12 19.67 -0.19 6.77
N LYS C 13 18.59 -0.93 7.03
CA LYS C 13 17.21 -0.42 7.11
C LYS C 13 16.65 -0.80 8.49
N THR C 14 16.45 0.18 9.37
CA THR C 14 15.69 0.03 10.65
C THR C 14 14.27 0.56 10.43
N THR C 15 13.27 -0.03 11.09
CA THR C 15 11.86 0.26 10.78
C THR C 15 10.88 -0.09 11.90
N ARG C 16 9.74 0.58 11.86
CA ARG C 16 8.54 0.22 12.66
C ARG C 16 7.98 -1.09 12.10
N VAL C 17 7.06 -1.67 12.84
CA VAL C 17 6.20 -2.82 12.44
C VAL C 17 4.78 -2.26 12.36
N PHE C 18 4.11 -2.41 11.20
CA PHE C 18 2.79 -1.77 10.87
C PHE C 18 1.64 -2.76 11.01
N PRO C 19 0.56 -2.40 11.74
CA PRO C 19 -0.53 -3.32 12.05
C PRO C 19 -1.03 -4.18 10.87
N ASN C 20 -0.92 -3.67 9.64
CA ASN C 20 -1.41 -4.34 8.41
C ASN C 20 -0.57 -5.58 8.08
N ASP C 21 0.67 -5.66 8.60
CA ASP C 21 1.62 -6.77 8.33
C ASP C 21 1.68 -7.74 9.52
N LEU C 22 0.84 -7.53 10.54
CA LEU C 22 0.66 -8.47 11.69
C LEU C 22 -0.31 -9.59 11.33
N ASN C 23 -0.21 -10.69 12.07
CA ASN C 23 -0.88 -11.99 11.84
C ASN C 23 -2.31 -11.85 12.37
N ASN C 24 -3.03 -12.98 12.38
CA ASN C 24 -4.23 -13.27 13.22
C ASN C 24 -3.80 -13.13 14.71
N HIS C 25 -2.55 -13.52 15.01
CA HIS C 25 -1.97 -13.55 16.38
C HIS C 25 -1.39 -12.22 16.83
N GLN C 26 -1.35 -11.22 15.95
CA GLN C 26 -0.75 -9.87 16.16
C GLN C 26 0.78 -9.97 16.18
N THR C 27 1.33 -10.81 15.31
CA THR C 27 2.79 -10.97 15.16
C THR C 27 3.11 -10.79 13.68
N LEU C 28 4.33 -10.38 13.36
CA LEU C 28 4.68 -10.08 11.95
C LEU C 28 4.65 -11.33 11.06
N PHE C 29 4.02 -11.22 9.90
CA PHE C 29 4.07 -12.24 8.82
C PHE C 29 5.51 -12.50 8.33
N GLY C 30 5.80 -13.74 7.92
CA GLY C 30 7.08 -14.14 7.33
C GLY C 30 7.34 -13.38 6.05
N GLY C 31 6.32 -13.35 5.18
CA GLY C 31 6.37 -12.71 3.85
C GLY C 31 6.92 -11.29 3.94
N LYS C 32 6.47 -10.52 4.94
CA LYS C 32 6.89 -9.10 5.08
C LYS C 32 8.41 -9.15 5.23
N LEU C 33 8.87 -10.01 6.14
CA LEU C 33 10.32 -10.14 6.45
C LEU C 33 11.09 -10.53 5.19
N LEU C 34 10.60 -11.49 4.43
CA LEU C 34 11.35 -11.96 3.23
C LEU C 34 11.41 -10.80 2.23
N ALA C 35 10.32 -10.01 2.13
CA ALA C 35 10.17 -8.87 1.19
C ALA C 35 11.19 -7.81 1.56
N GLU C 36 11.29 -7.52 2.85
CA GLU C 36 12.26 -6.54 3.37
C GLU C 36 13.70 -7.01 3.10
N ILE C 37 13.97 -8.31 3.30
CA ILE C 37 15.31 -8.95 3.07
C ILE C 37 15.71 -8.79 1.61
N ASP C 38 14.79 -9.07 0.65
CA ASP C 38 15.04 -8.91 -0.82
C ASP C 38 15.34 -7.43 -1.08
N SER C 39 14.63 -6.55 -0.38
CA SER C 39 14.68 -5.10 -0.64
C SER C 39 16.08 -4.61 -0.33
N ILE C 40 16.51 -4.76 0.92
CA ILE C 40 17.84 -4.27 1.37
C ILE C 40 18.95 -4.94 0.56
N ALA C 41 18.95 -6.27 0.49
CA ALA C 41 19.92 -7.09 -0.26
C ALA C 41 20.16 -6.48 -1.64
N SER C 42 19.08 -6.04 -2.32
CA SER C 42 19.13 -5.55 -3.72
C SER C 42 19.95 -4.26 -3.82
N ILE C 43 19.99 -3.47 -2.73
CA ILE C 43 20.71 -2.19 -2.60
C ILE C 43 22.20 -2.52 -2.43
N ALA C 44 22.51 -3.41 -1.49
CA ALA C 44 23.86 -3.95 -1.28
C ALA C 44 24.40 -4.41 -2.63
N ALA C 45 23.72 -5.40 -3.23
CA ALA C 45 24.04 -5.95 -4.56
C ALA C 45 24.21 -4.83 -5.60
N ALA C 46 23.41 -3.76 -5.50
CA ALA C 46 23.45 -2.60 -6.41
C ALA C 46 24.73 -1.80 -6.14
N ARG C 47 24.94 -1.39 -4.91
CA ARG C 47 26.12 -0.56 -4.56
C ARG C 47 27.41 -1.25 -5.01
N HIS C 48 27.56 -2.52 -4.66
CA HIS C 48 28.80 -3.29 -4.95
C HIS C 48 29.26 -3.18 -6.40
N SER C 49 28.44 -3.73 -7.28
CA SER C 49 28.76 -3.91 -8.72
C SER C 49 28.22 -2.80 -9.60
N ARG C 50 27.63 -1.76 -9.03
CA ARG C 50 26.93 -0.72 -9.84
C ARG C 50 25.93 -1.47 -10.71
N LYS C 51 25.89 -1.18 -12.01
CA LYS C 51 25.00 -1.90 -12.97
C LYS C 51 23.54 -1.97 -12.46
N HIS C 52 22.89 -3.13 -12.64
CA HIS C 52 21.48 -3.38 -12.23
C HIS C 52 21.35 -4.89 -12.02
N CYS C 53 20.86 -5.34 -10.87
CA CYS C 53 20.81 -6.79 -10.56
C CYS C 53 19.40 -7.35 -10.53
N VAL C 54 19.36 -8.66 -10.29
CA VAL C 54 18.12 -9.49 -10.28
C VAL C 54 18.29 -10.59 -9.23
N THR C 55 17.24 -10.92 -8.48
CA THR C 55 17.32 -11.99 -7.47
C THR C 55 17.29 -13.36 -8.16
N ALA C 56 18.45 -14.04 -8.23
CA ALA C 56 18.56 -15.37 -8.86
C ALA C 56 17.90 -16.41 -7.96
N SER C 57 18.14 -16.32 -6.65
CA SER C 57 17.74 -17.37 -5.67
C SER C 57 17.91 -16.84 -4.26
N ILE C 58 17.35 -17.55 -3.29
CA ILE C 58 17.41 -17.20 -1.84
C ILE C 58 17.53 -18.50 -1.04
N ASP C 59 18.60 -18.63 -0.23
CA ASP C 59 18.86 -19.82 0.60
C ASP C 59 17.65 -19.93 1.54
N SER C 60 17.40 -21.10 2.10
CA SER C 60 16.29 -21.29 3.07
C SER C 60 16.44 -20.22 4.16
N VAL C 61 15.34 -19.86 4.80
CA VAL C 61 15.33 -18.93 5.95
C VAL C 61 14.53 -19.60 7.08
N ASP C 62 15.12 -19.59 8.27
CA ASP C 62 14.47 -20.11 9.50
C ASP C 62 14.12 -18.89 10.33
N PHE C 63 12.84 -18.81 10.70
CA PHE C 63 12.23 -17.69 11.45
C PHE C 63 12.40 -18.02 12.93
N LEU C 64 13.46 -17.48 13.54
CA LEU C 64 13.94 -17.84 14.91
C LEU C 64 13.00 -17.22 15.95
N THR C 65 12.54 -15.99 15.74
CA THR C 65 11.73 -15.30 16.78
C THR C 65 10.43 -14.76 16.17
N PRO C 66 9.37 -14.60 16.99
CA PRO C 66 8.21 -13.77 16.64
C PRO C 66 8.58 -12.29 16.79
N ILE C 67 7.88 -11.41 16.07
CA ILE C 67 8.08 -9.94 16.08
C ILE C 67 6.71 -9.35 16.39
N HIS C 68 6.62 -8.35 17.27
CA HIS C 68 5.32 -7.81 17.75
C HIS C 68 5.09 -6.32 17.37
N GLN C 69 3.87 -5.84 17.45
CA GLN C 69 3.58 -4.44 17.04
C GLN C 69 4.45 -3.47 17.85
N ALA C 70 4.86 -3.89 19.05
CA ALA C 70 5.62 -3.02 19.98
C ALA C 70 7.11 -2.95 19.63
N ASP C 71 7.55 -3.67 18.59
CA ASP C 71 9.01 -3.77 18.30
C ASP C 71 9.44 -3.01 17.06
N SER C 72 10.74 -3.10 16.80
CA SER C 72 11.43 -2.47 15.66
C SER C 72 12.31 -3.54 15.03
N VAL C 73 12.51 -3.50 13.73
CA VAL C 73 13.36 -4.55 13.10
C VAL C 73 14.46 -3.87 12.28
N CYS C 74 15.67 -4.41 12.33
CA CYS C 74 16.82 -3.85 11.59
C CYS C 74 17.32 -4.88 10.57
N TYR C 75 17.51 -4.44 9.34
CA TYR C 75 18.04 -5.29 8.24
C TYR C 75 19.44 -4.73 7.95
N GLU C 76 20.46 -5.56 8.12
CA GLU C 76 21.86 -5.20 7.82
C GLU C 76 22.31 -6.18 6.73
N ALA C 77 22.88 -5.67 5.65
CA ALA C 77 23.18 -6.51 4.48
C ALA C 77 24.39 -5.97 3.70
N PHE C 78 25.13 -6.89 3.09
CA PHE C 78 26.38 -6.63 2.33
C PHE C 78 26.71 -7.88 1.54
N VAL C 79 27.38 -7.70 0.40
CA VAL C 79 27.98 -8.79 -0.42
C VAL C 79 29.05 -9.47 0.43
N CYS C 80 29.09 -10.81 0.48
CA CYS C 80 30.18 -11.58 1.14
C CYS C 80 30.92 -12.48 0.14
N TYR C 81 30.27 -13.36 -0.62
CA TYR C 81 30.93 -14.08 -1.75
C TYR C 81 30.71 -13.34 -3.08
N THR C 82 31.53 -13.63 -4.10
CA THR C 82 31.27 -13.23 -5.51
C THR C 82 31.79 -14.30 -6.46
N GLY C 83 30.94 -14.68 -7.42
CA GLY C 83 31.29 -15.48 -8.60
C GLY C 83 31.73 -14.56 -9.71
N LYS C 84 31.32 -14.88 -10.95
CA LYS C 84 31.67 -14.11 -12.17
C LYS C 84 30.67 -12.96 -12.31
N SER C 85 29.37 -13.28 -12.34
CA SER C 85 28.22 -12.34 -12.38
C SER C 85 27.41 -12.38 -11.08
N SER C 86 27.49 -13.48 -10.33
CA SER C 86 26.76 -13.68 -9.05
C SER C 86 27.34 -12.78 -7.94
N MET C 87 26.56 -12.60 -6.87
CA MET C 87 26.86 -11.86 -5.61
C MET C 87 26.01 -12.50 -4.49
N GLU C 88 26.69 -13.07 -3.49
CA GLU C 88 26.06 -13.64 -2.29
C GLU C 88 25.91 -12.50 -1.29
N VAL C 89 24.68 -12.04 -1.04
CA VAL C 89 24.39 -11.00 -0.02
C VAL C 89 24.07 -11.74 1.28
N PHE C 90 24.64 -11.29 2.40
CA PHE C 90 24.25 -11.81 3.74
C PHE C 90 23.35 -10.73 4.36
N VAL C 91 22.28 -11.20 5.00
CA VAL C 91 21.26 -10.32 5.62
C VAL C 91 20.98 -10.85 7.01
N LYS C 92 21.16 -9.93 7.96
CA LYS C 92 21.00 -10.17 9.40
C LYS C 92 19.73 -9.41 9.78
N VAL C 93 18.82 -10.03 10.53
CA VAL C 93 17.53 -9.38 10.87
C VAL C 93 17.40 -9.31 12.40
N ILE C 94 17.58 -8.14 12.99
CA ILE C 94 17.47 -7.94 14.47
C ILE C 94 16.11 -7.37 14.83
N ALA C 95 15.43 -7.94 15.81
CA ALA C 95 14.20 -7.40 16.43
C ALA C 95 14.54 -6.80 17.79
N GLU C 96 13.97 -5.63 18.13
CA GLU C 96 14.21 -4.89 19.40
C GLU C 96 12.87 -4.40 19.94
N ASN C 97 12.54 -4.73 21.19
CA ASN C 97 11.43 -4.13 21.94
C ASN C 97 11.86 -2.69 22.22
N LEU C 98 11.10 -1.69 21.74
CA LEU C 98 11.47 -0.24 21.79
C LEU C 98 11.39 0.28 23.22
N LEU C 99 10.48 -0.26 24.05
CA LEU C 99 10.24 0.17 25.45
C LEU C 99 11.15 -0.61 26.43
N ALA C 100 11.62 -1.80 26.02
CA ALA C 100 12.50 -2.69 26.81
C ALA C 100 13.97 -2.37 26.49
N GLY C 101 14.33 -2.33 25.21
CA GLY C 101 15.73 -2.26 24.74
C GLY C 101 16.40 -3.63 24.67
N GLU C 102 15.62 -4.71 24.80
CA GLU C 102 16.10 -6.12 24.60
C GLU C 102 16.09 -6.45 23.10
N ARG C 103 17.26 -6.77 22.53
CA ARG C 103 17.48 -7.07 21.09
C ARG C 103 17.68 -8.58 20.89
N ARG C 104 17.14 -9.16 19.81
CA ARG C 104 17.35 -10.59 19.43
C ARG C 104 17.65 -10.70 17.93
N ILE C 105 18.31 -11.78 17.52
CA ILE C 105 18.44 -12.14 16.09
C ILE C 105 17.14 -12.84 15.71
N ALA C 106 16.47 -12.36 14.66
CA ALA C 106 15.16 -12.85 14.19
C ALA C 106 15.39 -13.79 13.01
N ALA C 107 16.41 -13.52 12.21
CA ALA C 107 16.88 -14.41 11.12
C ALA C 107 18.16 -13.90 10.43
N THR C 108 18.73 -14.80 9.62
CA THR C 108 19.86 -14.56 8.69
C THR C 108 19.45 -15.16 7.35
N CYS C 109 20.03 -14.67 6.28
CA CYS C 109 19.67 -15.14 4.92
C CYS C 109 20.88 -14.85 4.02
N PHE C 110 21.31 -15.85 3.25
CA PHE C 110 22.19 -15.68 2.07
C PHE C 110 21.22 -15.57 0.89
N ILE C 111 21.41 -14.58 0.02
CA ILE C 111 20.48 -14.33 -1.10
C ILE C 111 21.33 -13.90 -2.28
N THR C 112 21.31 -14.71 -3.33
CA THR C 112 22.19 -14.55 -4.50
C THR C 112 21.54 -13.52 -5.40
N PHE C 113 22.37 -12.68 -6.00
CA PHE C 113 21.99 -11.57 -6.90
C PHE C 113 22.94 -11.61 -8.10
N VAL C 114 22.41 -11.33 -9.29
CA VAL C 114 23.19 -11.40 -10.55
C VAL C 114 23.11 -10.04 -11.24
N ALA C 115 24.24 -9.51 -11.68
CA ALA C 115 24.22 -8.22 -12.40
C ALA C 115 23.75 -8.49 -13.82
N ILE C 116 23.10 -7.52 -14.46
CA ILE C 116 22.59 -7.72 -15.84
C ILE C 116 22.81 -6.40 -16.58
N LYS C 117 23.62 -6.38 -17.63
CA LYS C 117 23.92 -5.09 -18.32
C LYS C 117 23.06 -4.93 -19.56
N ASP C 118 22.98 -5.96 -20.38
CA ASP C 118 22.19 -5.89 -21.63
C ASP C 118 21.23 -7.07 -21.69
N GLY C 119 20.33 -7.17 -20.72
CA GLY C 119 19.32 -8.26 -20.68
C GLY C 119 20.00 -9.60 -20.46
N LYS C 120 21.34 -9.66 -20.49
CA LYS C 120 22.15 -10.86 -20.14
C LYS C 120 23.09 -10.52 -18.99
N PRO C 121 23.56 -11.54 -18.24
CA PRO C 121 24.42 -11.34 -17.07
C PRO C 121 25.64 -10.44 -17.32
N SER C 122 26.33 -10.01 -16.26
CA SER C 122 27.42 -8.98 -16.32
C SER C 122 28.45 -9.04 -15.18
N SER C 123 29.65 -8.52 -15.50
CA SER C 123 30.94 -8.68 -14.77
C SER C 123 30.96 -7.87 -13.45
N VAL C 124 30.84 -8.61 -12.35
CA VAL C 124 30.81 -8.06 -10.98
C VAL C 124 32.23 -8.13 -10.43
N PRO C 125 32.68 -7.14 -9.63
CA PRO C 125 34.00 -7.15 -9.02
C PRO C 125 34.08 -8.18 -7.88
N GLN C 126 35.28 -8.65 -7.56
CA GLN C 126 35.40 -9.64 -6.46
C GLN C 126 35.34 -8.89 -5.13
N VAL C 127 34.89 -9.58 -4.07
CA VAL C 127 34.77 -8.95 -2.73
C VAL C 127 35.86 -9.44 -1.78
N LEU C 128 36.69 -8.51 -1.33
CA LEU C 128 37.72 -8.78 -0.30
C LEU C 128 37.09 -8.52 1.07
N PRO C 129 37.21 -9.46 2.02
CA PRO C 129 36.85 -9.17 3.41
C PRO C 129 37.89 -8.30 4.13
N GLU C 130 37.45 -7.62 5.17
CA GLU C 130 38.29 -6.75 6.04
C GLU C 130 38.30 -7.33 7.45
N THR C 131 37.17 -7.33 8.15
CA THR C 131 37.10 -7.79 9.56
C THR C 131 37.05 -9.30 9.72
N GLN C 132 36.98 -9.75 10.97
CA GLN C 132 36.96 -11.18 11.36
C GLN C 132 35.64 -11.81 10.95
N GLU C 133 34.53 -11.13 11.20
CA GLU C 133 33.19 -11.62 10.76
C GLU C 133 33.20 -11.73 9.22
N GLU C 134 33.76 -10.74 8.53
CA GLU C 134 33.85 -10.70 7.04
C GLU C 134 34.78 -11.82 6.55
N HIS C 135 35.65 -12.35 7.42
CA HIS C 135 36.48 -13.57 7.18
C HIS C 135 35.61 -14.81 7.41
N TRP C 136 35.00 -14.88 8.59
CA TRP C 136 34.35 -16.11 9.11
C TRP C 136 33.24 -16.60 8.19
N LEU C 137 32.62 -15.72 7.40
CA LEU C 137 31.54 -16.16 6.48
C LEU C 137 31.97 -16.02 5.02
N HIS C 138 33.13 -15.43 4.73
CA HIS C 138 33.70 -15.45 3.35
C HIS C 138 34.31 -16.81 3.02
N LYS C 139 34.86 -17.51 4.02
CA LYS C 139 35.65 -18.76 3.82
C LYS C 139 34.69 -19.87 3.34
N THR C 140 33.62 -20.12 4.11
CA THR C 140 32.56 -21.14 3.83
C THR C 140 31.72 -20.70 2.60
N GLY C 141 32.02 -19.52 2.02
CA GLY C 141 31.44 -18.99 0.78
C GLY C 141 31.37 -20.01 -0.34
N LEU C 142 32.52 -20.52 -0.80
CA LEU C 142 32.60 -21.44 -1.97
C LEU C 142 31.84 -22.74 -1.70
N GLU C 143 31.71 -23.17 -0.43
CA GLU C 143 30.95 -24.40 -0.10
C GLU C 143 29.50 -24.16 -0.51
N ARG C 144 28.85 -23.20 0.14
CA ARG C 144 27.38 -22.95 0.01
C ARG C 144 27.01 -22.53 -1.41
N ALA C 145 27.95 -22.00 -2.21
CA ALA C 145 27.79 -21.70 -3.65
C ALA C 145 27.67 -23.00 -4.48
N GLU C 146 28.35 -24.10 -4.09
CA GLU C 146 28.23 -25.43 -4.76
C GLU C 146 26.83 -25.98 -4.45
N ASN C 147 26.51 -26.11 -3.16
CA ASN C 147 25.17 -26.55 -2.67
C ASN C 147 24.07 -25.94 -3.54
N ARG C 148 24.19 -24.65 -3.89
CA ARG C 148 23.18 -23.89 -4.69
C ARG C 148 23.22 -24.28 -6.17
N LYS C 149 24.33 -24.82 -6.69
CA LYS C 149 24.36 -25.37 -8.07
C LYS C 149 23.51 -26.64 -8.07
N LYS C 150 23.49 -27.36 -6.94
CA LYS C 150 22.74 -28.63 -6.75
C LYS C 150 21.27 -28.33 -6.40
N GLY C 151 21.03 -27.24 -5.65
CA GLY C 151 19.68 -26.74 -5.33
C GLY C 151 18.94 -26.31 -6.58
N ARG C 152 19.63 -25.54 -7.45
CA ARG C 152 19.06 -25.00 -8.71
C ARG C 152 18.61 -26.17 -9.60
N LEU C 153 19.41 -27.24 -9.60
CA LEU C 153 19.24 -28.42 -10.47
C LEU C 153 17.89 -29.10 -10.16
N LYS C 154 17.66 -29.44 -8.91
CA LYS C 154 16.36 -30.03 -8.51
C LYS C 154 15.24 -29.10 -8.97
N SER C 155 15.36 -27.82 -8.62
CA SER C 155 14.29 -26.84 -8.94
C SER C 155 14.09 -26.80 -10.44
N LYS C 156 15.19 -26.66 -11.20
CA LYS C 156 15.10 -26.62 -12.67
C LYS C 156 14.55 -27.96 -13.12
N GLU C 157 14.96 -29.04 -12.48
CA GLU C 157 14.45 -30.37 -12.86
C GLU C 157 12.95 -30.43 -12.57
N MET C 158 12.52 -29.90 -11.44
CA MET C 158 11.07 -29.97 -11.08
C MET C 158 10.23 -29.17 -12.07
N ALA C 159 10.79 -28.09 -12.60
CA ALA C 159 10.12 -27.25 -13.62
C ALA C 159 9.61 -28.12 -14.77
N GLU C 160 10.52 -28.87 -15.42
CA GLU C 160 10.25 -29.77 -16.58
C GLU C 160 9.23 -30.87 -16.20
N VAL C 161 9.33 -31.44 -15.00
CA VAL C 161 8.33 -32.45 -14.47
C VAL C 161 6.92 -31.83 -14.53
N LEU C 162 6.79 -30.57 -14.12
CA LEU C 162 5.48 -29.89 -14.10
C LEU C 162 5.18 -29.37 -15.50
N THR C 163 6.18 -28.83 -16.18
CA THR C 163 6.01 -28.27 -17.54
C THR C 163 5.68 -29.36 -18.54
N LEU C 164 6.68 -30.23 -18.76
CA LEU C 164 6.72 -31.33 -19.77
C LEU C 164 5.93 -32.55 -19.30
N SER C 165 5.45 -32.48 -18.06
CA SER C 165 4.68 -33.54 -17.38
C SER C 165 5.49 -34.84 -17.21
N LYS C 166 6.82 -34.74 -17.32
CA LYS C 166 7.72 -35.91 -17.20
C LYS C 166 7.31 -36.67 -15.94
N PRO C 167 6.95 -37.96 -16.03
CA PRO C 167 6.43 -38.68 -14.89
C PRO C 167 7.42 -38.64 -13.73
N TRP C 168 6.86 -38.39 -12.56
CA TRP C 168 7.62 -38.26 -11.30
C TRP C 168 8.60 -39.43 -11.13
N ASN C 169 9.86 -39.03 -10.96
CA ASN C 169 11.17 -39.72 -10.70
C ASN C 169 12.14 -39.35 -11.84
N GLU D 2 -9.69 -36.37 12.18
CA GLU D 2 -8.24 -36.49 12.48
C GLU D 2 -7.45 -36.73 11.19
N LYS D 3 -8.10 -37.00 10.05
CA LYS D 3 -7.41 -37.08 8.74
C LYS D 3 -8.14 -36.18 7.74
N LYS D 4 -7.48 -35.89 6.62
CA LYS D 4 -7.83 -34.82 5.63
C LYS D 4 -7.05 -35.07 4.33
N PHE D 5 -7.70 -35.07 3.18
CA PHE D 5 -7.02 -35.20 1.87
C PHE D 5 -6.22 -33.92 1.64
N MET D 6 -5.16 -33.99 0.82
CA MET D 6 -4.30 -32.82 0.50
C MET D 6 -5.15 -31.72 -0.14
N ARG D 7 -6.02 -32.12 -1.08
CA ARG D 7 -6.86 -31.23 -1.92
C ARG D 7 -7.78 -30.34 -1.05
N GLU D 8 -8.21 -30.80 0.14
CA GLU D 8 -8.99 -30.01 1.16
C GLU D 8 -8.24 -28.74 1.62
N SER D 9 -6.92 -28.69 1.42
CA SER D 9 -6.04 -27.54 1.77
C SER D 9 -5.52 -26.82 0.51
N LYS D 10 -6.14 -26.95 -0.65
CA LYS D 10 -5.67 -26.21 -1.85
C LYS D 10 -6.21 -24.78 -1.76
N ALA D 11 -5.40 -23.82 -2.25
CA ALA D 11 -5.66 -22.37 -2.29
C ALA D 11 -4.92 -21.79 -3.49
N ILE D 12 -5.64 -21.03 -4.33
CA ILE D 12 -5.06 -20.43 -5.55
C ILE D 12 -5.23 -18.93 -5.47
N LYS D 13 -4.24 -18.19 -5.98
CA LYS D 13 -4.28 -16.72 -6.07
C LYS D 13 -3.76 -16.27 -7.44
N THR D 14 -4.68 -15.98 -8.37
CA THR D 14 -4.34 -15.33 -9.67
C THR D 14 -4.39 -13.81 -9.48
N THR D 15 -3.37 -13.09 -9.98
CA THR D 15 -3.17 -11.62 -9.80
C THR D 15 -2.30 -11.06 -10.95
N ARG D 16 -2.31 -9.75 -11.09
CA ARG D 16 -1.57 -9.02 -12.15
C ARG D 16 -0.34 -8.45 -11.46
N VAL D 17 0.62 -7.97 -12.25
CA VAL D 17 1.92 -7.41 -11.77
C VAL D 17 1.76 -5.89 -11.68
N PHE D 18 2.04 -5.30 -10.53
CA PHE D 18 1.78 -3.86 -10.31
C PHE D 18 3.10 -3.11 -10.54
N PRO D 19 3.10 -1.96 -11.25
CA PRO D 19 4.35 -1.27 -11.61
C PRO D 19 5.25 -0.85 -10.43
N ASN D 20 4.70 -0.76 -9.21
CA ASN D 20 5.45 -0.35 -7.98
C ASN D 20 6.31 -1.50 -7.46
N ASP D 21 5.87 -2.73 -7.74
CA ASP D 21 6.58 -3.98 -7.37
C ASP D 21 7.47 -4.35 -8.54
N LEU D 22 7.89 -3.36 -9.32
CA LEU D 22 8.76 -3.55 -10.49
C LEU D 22 10.14 -3.00 -10.16
N ASN D 23 11.17 -3.43 -10.88
CA ASN D 23 12.54 -2.95 -10.57
C ASN D 23 13.11 -2.13 -11.72
N ASN D 24 14.43 -2.03 -11.82
CA ASN D 24 15.05 -1.17 -12.86
C ASN D 24 14.97 -1.79 -14.24
N HIS D 25 14.73 -3.09 -14.36
CA HIS D 25 14.55 -3.69 -15.71
C HIS D 25 13.07 -3.92 -15.99
N GLN D 26 12.20 -3.32 -15.19
CA GLN D 26 10.73 -3.50 -15.28
C GLN D 26 10.44 -4.99 -15.13
N THR D 27 11.06 -5.62 -14.13
CA THR D 27 10.89 -7.04 -13.72
C THR D 27 10.40 -7.15 -12.28
N LEU D 28 9.57 -8.12 -11.96
CA LEU D 28 9.02 -8.32 -10.59
C LEU D 28 10.17 -8.60 -9.61
N PHE D 29 10.20 -7.91 -8.47
CA PHE D 29 11.14 -8.16 -7.35
C PHE D 29 10.90 -9.56 -6.81
N GLY D 30 11.95 -10.27 -6.37
CA GLY D 30 11.86 -11.60 -5.75
C GLY D 30 11.00 -11.54 -4.50
N GLY D 31 10.98 -10.36 -3.88
CA GLY D 31 10.38 -10.20 -2.55
C GLY D 31 8.88 -10.24 -2.66
N LYS D 32 8.32 -9.70 -3.75
CA LYS D 32 6.84 -9.61 -3.87
C LYS D 32 6.36 -11.04 -4.09
N LEU D 33 7.11 -11.77 -4.91
CA LEU D 33 6.93 -13.23 -5.15
C LEU D 33 7.01 -13.93 -3.79
N LEU D 34 8.08 -13.67 -3.05
CA LEU D 34 8.31 -14.42 -1.80
C LEU D 34 7.20 -14.11 -0.80
N ALA D 35 6.64 -12.89 -0.86
CA ALA D 35 5.60 -12.34 0.05
C ALA D 35 4.28 -13.01 -0.27
N GLU D 36 4.04 -13.14 -1.58
CA GLU D 36 2.82 -13.73 -2.14
C GLU D 36 2.81 -15.22 -1.72
N ILE D 37 3.92 -15.93 -1.99
CA ILE D 37 4.08 -17.36 -1.60
C ILE D 37 3.70 -17.50 -0.12
N ASP D 38 4.27 -16.68 0.76
CA ASP D 38 3.97 -16.90 2.20
C ASP D 38 2.47 -16.68 2.42
N SER D 39 1.88 -15.70 1.75
CA SER D 39 0.45 -15.33 1.92
C SER D 39 -0.46 -16.47 1.48
N ILE D 40 -0.28 -16.97 0.26
CA ILE D 40 -1.21 -18.00 -0.29
C ILE D 40 -1.07 -19.25 0.58
N ALA D 41 0.18 -19.57 0.98
CA ALA D 41 0.57 -20.80 1.72
C ALA D 41 -0.11 -20.87 3.10
N SER D 42 -0.28 -19.74 3.79
CA SER D 42 -0.89 -19.63 5.14
C SER D 42 -2.38 -19.93 5.08
N ILE D 43 -3.00 -19.62 3.94
CA ILE D 43 -4.45 -19.91 3.78
C ILE D 43 -4.59 -21.43 3.72
N ALA D 44 -3.76 -22.04 2.86
CA ALA D 44 -3.62 -23.50 2.70
C ALA D 44 -3.45 -24.14 4.06
N ALA D 45 -2.61 -23.53 4.90
CA ALA D 45 -2.23 -24.01 6.25
C ALA D 45 -3.37 -23.78 7.26
N ALA D 46 -4.23 -22.80 7.00
CA ALA D 46 -5.39 -22.45 7.85
C ALA D 46 -6.56 -23.38 7.48
N ARG D 47 -6.80 -23.56 6.18
CA ARG D 47 -7.86 -24.44 5.62
C ARG D 47 -7.67 -25.85 6.18
N HIS D 48 -6.42 -26.26 6.37
CA HIS D 48 -6.02 -27.65 6.75
C HIS D 48 -6.09 -27.87 8.26
N SER D 49 -5.40 -27.05 9.04
CA SER D 49 -5.36 -27.14 10.52
C SER D 49 -6.60 -26.49 11.12
N ARG D 50 -7.34 -25.69 10.35
CA ARG D 50 -8.46 -24.86 10.86
C ARG D 50 -8.04 -24.35 12.24
N LYS D 51 -6.85 -23.75 12.32
CA LYS D 51 -6.27 -23.17 13.58
C LYS D 51 -5.31 -22.03 13.22
N HIS D 52 -4.86 -21.23 14.20
CA HIS D 52 -3.97 -20.07 13.94
C HIS D 52 -2.54 -20.54 13.66
N CYS D 53 -2.09 -20.52 12.41
CA CYS D 53 -0.71 -20.91 12.00
C CYS D 53 0.27 -19.74 11.92
N VAL D 54 1.54 -20.09 11.83
CA VAL D 54 2.72 -19.19 11.94
C VAL D 54 3.81 -19.78 11.04
N THR D 55 4.54 -18.94 10.30
CA THR D 55 5.61 -19.35 9.35
C THR D 55 6.92 -19.64 10.09
N ALA D 56 7.38 -20.90 10.09
CA ALA D 56 8.58 -21.37 10.82
C ALA D 56 9.81 -21.33 9.90
N SER D 57 9.64 -21.66 8.63
CA SER D 57 10.79 -21.60 7.71
C SER D 57 10.26 -21.55 6.28
N ILE D 58 11.15 -21.24 5.34
CA ILE D 58 10.97 -21.39 3.87
C ILE D 58 12.24 -22.01 3.30
N ASP D 59 12.13 -23.08 2.49
CA ASP D 59 13.30 -23.76 1.86
C ASP D 59 13.85 -22.84 0.77
N SER D 60 15.00 -23.15 0.17
CA SER D 60 15.57 -22.27 -0.89
C SER D 60 14.49 -22.13 -1.98
N VAL D 61 14.44 -20.95 -2.59
CA VAL D 61 13.66 -20.72 -3.82
C VAL D 61 14.69 -20.31 -4.87
N ASP D 62 14.56 -20.85 -6.08
CA ASP D 62 15.37 -20.46 -7.26
C ASP D 62 14.42 -19.77 -8.26
N PHE D 63 14.70 -18.51 -8.61
CA PHE D 63 13.83 -17.68 -9.49
C PHE D 63 14.21 -18.00 -10.94
N LEU D 64 13.41 -18.80 -11.64
CA LEU D 64 13.80 -19.45 -12.91
C LEU D 64 13.58 -18.51 -14.09
N THR D 65 12.60 -17.62 -13.98
CA THR D 65 12.15 -16.77 -15.12
C THR D 65 11.71 -15.40 -14.63
N PRO D 66 12.13 -14.32 -15.33
CA PRO D 66 11.75 -12.95 -14.99
C PRO D 66 10.28 -12.66 -15.33
N ILE D 67 9.52 -12.20 -14.35
CA ILE D 67 8.10 -11.82 -14.52
C ILE D 67 8.04 -10.34 -14.97
N HIS D 68 7.16 -10.03 -15.92
CA HIS D 68 7.00 -8.68 -16.54
C HIS D 68 5.62 -8.08 -16.22
N GLN D 69 5.46 -6.78 -16.48
CA GLN D 69 4.18 -6.01 -16.37
C GLN D 69 3.10 -6.64 -17.27
N ALA D 70 3.50 -7.26 -18.38
CA ALA D 70 2.60 -7.96 -19.34
C ALA D 70 2.00 -9.24 -18.72
N ASP D 71 2.64 -9.87 -17.73
CA ASP D 71 2.24 -11.22 -17.25
C ASP D 71 1.21 -11.13 -16.14
N SER D 72 0.49 -12.22 -15.93
CA SER D 72 -0.18 -12.57 -14.67
C SER D 72 0.73 -13.56 -13.96
N VAL D 73 0.43 -13.87 -12.71
CA VAL D 73 1.16 -14.88 -11.90
C VAL D 73 0.10 -15.58 -11.05
N CYS D 74 0.03 -16.89 -11.17
CA CYS D 74 -0.92 -17.75 -10.43
C CYS D 74 -0.11 -18.51 -9.37
N TYR D 75 -0.65 -18.63 -8.16
CA TYR D 75 0.05 -19.28 -7.04
C TYR D 75 -0.82 -20.41 -6.52
N GLU D 76 -0.45 -21.68 -6.75
CA GLU D 76 -1.20 -22.86 -6.21
C GLU D 76 -0.49 -23.26 -4.92
N ALA D 77 -1.21 -23.66 -3.89
CA ALA D 77 -0.61 -24.01 -2.57
C ALA D 77 -1.44 -25.07 -1.83
N PHE D 78 -0.86 -26.25 -1.62
CA PHE D 78 -1.42 -27.28 -0.72
C PHE D 78 -0.36 -27.76 0.27
N VAL D 79 -0.86 -28.15 1.44
CA VAL D 79 -0.22 -28.99 2.48
C VAL D 79 0.13 -30.33 1.85
N CYS D 80 1.40 -30.72 1.72
CA CYS D 80 1.74 -32.09 1.27
C CYS D 80 2.22 -32.98 2.42
N TYR D 81 2.78 -32.45 3.50
CA TYR D 81 3.31 -33.27 4.65
C TYR D 81 2.83 -32.69 5.98
N THR D 82 2.64 -33.52 7.01
CA THR D 82 2.20 -33.06 8.34
C THR D 82 3.04 -33.70 9.45
N GLY D 83 3.40 -32.93 10.47
CA GLY D 83 4.11 -33.41 11.66
C GLY D 83 3.13 -33.43 12.82
N LYS D 84 3.59 -33.25 14.05
CA LYS D 84 2.65 -33.19 15.21
C LYS D 84 1.79 -31.93 15.12
N SER D 85 2.42 -30.80 14.79
CA SER D 85 1.84 -29.44 14.70
C SER D 85 2.45 -28.67 13.52
N SER D 86 3.43 -29.25 12.83
CA SER D 86 3.96 -28.62 11.59
C SER D 86 3.05 -28.95 10.39
N MET D 87 3.43 -28.44 9.21
CA MET D 87 2.81 -28.78 7.90
C MET D 87 3.62 -28.19 6.74
N GLU D 88 4.18 -29.04 5.89
CA GLU D 88 4.93 -28.65 4.67
C GLU D 88 3.84 -28.19 3.72
N VAL D 89 4.01 -27.01 3.12
CA VAL D 89 3.07 -26.54 2.08
C VAL D 89 3.86 -26.45 0.78
N PHE D 90 3.47 -27.26 -0.21
CA PHE D 90 3.99 -27.19 -1.60
C PHE D 90 3.30 -26.02 -2.29
N VAL D 91 4.10 -25.19 -2.95
CA VAL D 91 3.65 -23.94 -3.57
C VAL D 91 4.29 -23.86 -4.96
N LYS D 92 3.42 -23.88 -5.97
CA LYS D 92 3.76 -23.80 -7.41
C LYS D 92 3.41 -22.39 -7.90
N VAL D 93 4.33 -21.75 -8.63
CA VAL D 93 4.16 -20.36 -9.10
C VAL D 93 4.28 -20.35 -10.61
N ILE D 94 3.14 -20.28 -11.30
CA ILE D 94 3.06 -20.23 -12.78
C ILE D 94 2.92 -18.76 -13.18
N ALA D 95 3.47 -18.37 -14.33
CA ALA D 95 3.46 -16.98 -14.86
C ALA D 95 3.23 -17.01 -16.37
N GLU D 96 2.03 -16.65 -16.81
CA GLU D 96 1.70 -16.62 -18.25
C GLU D 96 1.56 -15.16 -18.71
N ASN D 97 1.88 -14.95 -19.99
CA ASN D 97 1.74 -13.65 -20.68
C ASN D 97 0.27 -13.45 -21.03
N LEU D 98 -0.35 -12.40 -20.46
CA LEU D 98 -1.81 -12.15 -20.52
C LEU D 98 -2.28 -12.17 -21.98
N LEU D 99 -1.45 -11.71 -22.92
CA LEU D 99 -1.78 -11.63 -24.36
C LEU D 99 -1.37 -12.92 -25.08
N ALA D 100 -0.06 -13.08 -25.34
CA ALA D 100 0.56 -14.25 -26.03
C ALA D 100 -0.01 -15.58 -25.49
N GLY D 101 -0.11 -15.74 -24.16
CA GLY D 101 -0.68 -16.93 -23.49
C GLY D 101 0.33 -18.04 -23.24
N GLU D 102 1.62 -17.78 -23.47
CA GLU D 102 2.74 -18.73 -23.17
C GLU D 102 2.90 -18.82 -21.64
N ARG D 103 2.31 -19.85 -21.01
CA ARG D 103 2.47 -20.16 -19.55
C ARG D 103 3.87 -20.71 -19.29
N ARG D 104 4.38 -20.50 -18.08
CA ARG D 104 5.71 -21.02 -17.64
C ARG D 104 5.74 -21.00 -16.10
N ILE D 105 6.55 -21.86 -15.48
CA ILE D 105 6.65 -21.93 -13.98
C ILE D 105 7.79 -21.01 -13.55
N ALA D 106 7.54 -20.03 -12.69
CA ALA D 106 8.51 -18.98 -12.32
C ALA D 106 9.33 -19.40 -11.09
N ALA D 107 8.71 -20.18 -10.21
CA ALA D 107 9.36 -20.67 -8.98
C ALA D 107 8.51 -21.81 -8.41
N THR D 108 9.15 -22.69 -7.65
CA THR D 108 8.48 -23.69 -6.78
C THR D 108 9.14 -23.61 -5.39
N CYS D 109 8.36 -23.89 -4.36
CA CYS D 109 8.75 -23.56 -2.97
C CYS D 109 8.11 -24.54 -1.98
N PHE D 110 8.94 -25.16 -1.15
CA PHE D 110 8.49 -25.82 0.10
C PHE D 110 8.57 -24.79 1.20
N ILE D 111 7.55 -24.72 2.05
CA ILE D 111 7.41 -23.64 3.05
C ILE D 111 6.62 -24.22 4.21
N THR D 112 7.11 -23.97 5.41
CA THR D 112 6.77 -24.78 6.61
C THR D 112 5.98 -23.88 7.57
N PHE D 113 4.71 -24.20 7.76
CA PHE D 113 3.81 -23.51 8.71
C PHE D 113 3.69 -24.33 10.00
N VAL D 114 3.41 -23.66 11.12
CA VAL D 114 3.18 -24.35 12.42
C VAL D 114 1.89 -23.81 13.04
N ALA D 115 0.94 -24.70 13.25
CA ALA D 115 -0.28 -24.47 14.05
C ALA D 115 0.15 -24.00 15.45
N ILE D 116 -0.67 -23.14 16.06
CA ILE D 116 -0.42 -22.46 17.36
C ILE D 116 -1.76 -22.22 18.04
N LYS D 117 -1.87 -22.57 19.33
CA LYS D 117 -3.05 -22.27 20.18
C LYS D 117 -2.59 -21.96 21.61
N ASP D 118 -3.21 -20.97 22.23
CA ASP D 118 -2.85 -20.55 23.60
C ASP D 118 -1.34 -20.29 23.64
N GLY D 119 -0.77 -19.93 22.50
CA GLY D 119 0.64 -19.55 22.40
C GLY D 119 1.62 -20.69 22.25
N LYS D 120 1.16 -21.93 22.30
CA LYS D 120 2.12 -23.05 22.19
C LYS D 120 1.64 -23.96 21.08
N PRO D 121 2.55 -24.59 20.31
CA PRO D 121 2.20 -25.48 19.21
C PRO D 121 1.04 -26.43 19.49
N SER D 122 0.10 -26.51 18.55
CA SER D 122 -1.11 -27.36 18.68
C SER D 122 -1.15 -28.31 17.50
N SER D 123 -1.70 -29.49 17.72
CA SER D 123 -1.74 -30.68 16.82
C SER D 123 -2.55 -30.37 15.56
N VAL D 124 -2.28 -31.14 14.53
CA VAL D 124 -2.79 -30.98 13.15
C VAL D 124 -3.22 -32.37 12.72
N PRO D 125 -4.18 -32.53 11.79
CA PRO D 125 -4.34 -33.83 11.13
C PRO D 125 -3.11 -34.28 10.31
N GLN D 126 -3.05 -35.58 10.02
CA GLN D 126 -2.19 -36.12 8.94
C GLN D 126 -2.85 -35.73 7.62
N VAL D 127 -2.15 -35.94 6.50
CA VAL D 127 -2.62 -35.55 5.15
C VAL D 127 -2.38 -36.73 4.19
N LEU D 128 -3.33 -36.96 3.28
CA LEU D 128 -3.31 -38.15 2.38
C LEU D 128 -3.32 -37.76 0.90
N PRO D 129 -2.35 -38.24 0.12
CA PRO D 129 -2.26 -37.96 -1.31
C PRO D 129 -3.26 -38.77 -2.13
N GLU D 130 -3.48 -38.36 -3.37
CA GLU D 130 -4.40 -39.07 -4.28
C GLU D 130 -3.82 -39.03 -5.70
N THR D 131 -2.80 -38.21 -5.92
CA THR D 131 -2.30 -38.08 -7.31
C THR D 131 -0.81 -38.40 -7.39
N GLN D 132 -0.35 -38.75 -8.59
CA GLN D 132 1.06 -39.07 -8.90
C GLN D 132 1.95 -38.07 -8.16
N GLU D 133 1.77 -36.80 -8.50
CA GLU D 133 2.54 -35.68 -7.91
C GLU D 133 2.33 -35.66 -6.39
N GLU D 134 1.11 -35.88 -5.94
CA GLU D 134 0.82 -35.82 -4.49
C GLU D 134 1.57 -36.96 -3.79
N HIS D 135 1.62 -38.13 -4.43
CA HIS D 135 2.23 -39.32 -3.76
C HIS D 135 3.76 -39.12 -3.62
N TRP D 136 4.45 -38.67 -4.68
CA TRP D 136 5.89 -38.26 -4.70
C TRP D 136 6.21 -37.22 -3.62
N LEU D 137 5.25 -36.34 -3.33
CA LEU D 137 5.46 -35.30 -2.29
C LEU D 137 5.52 -36.01 -0.94
N HIS D 138 4.46 -36.75 -0.62
CA HIS D 138 4.38 -37.46 0.67
C HIS D 138 5.62 -38.34 0.83
N LYS D 139 5.78 -39.29 -0.09
CA LYS D 139 6.93 -40.24 -0.11
C LYS D 139 8.24 -39.51 0.17
N THR D 140 8.56 -38.48 -0.62
CA THR D 140 9.87 -37.75 -0.45
C THR D 140 9.86 -36.79 0.72
N GLY D 141 8.68 -36.56 1.30
CA GLY D 141 8.45 -35.59 2.37
C GLY D 141 9.38 -35.73 3.58
N LEU D 142 9.41 -36.90 4.20
CA LEU D 142 10.23 -37.12 5.42
C LEU D 142 11.69 -36.75 5.19
N GLU D 143 12.27 -37.10 4.04
CA GLU D 143 13.68 -36.77 3.74
C GLU D 143 13.88 -35.26 3.96
N ARG D 144 12.92 -34.45 3.51
CA ARG D 144 12.99 -32.96 3.60
C ARG D 144 12.78 -32.48 5.04
N ALA D 145 11.74 -32.98 5.71
CA ALA D 145 11.44 -32.62 7.11
C ALA D 145 12.70 -32.76 7.93
N GLU D 146 13.53 -33.76 7.61
CA GLU D 146 14.75 -34.11 8.38
C GLU D 146 15.82 -33.04 8.12
N ASN D 147 16.08 -32.70 6.86
CA ASN D 147 17.10 -31.68 6.50
C ASN D 147 16.78 -30.35 7.17
N ARG D 148 15.50 -30.07 7.38
CA ARG D 148 15.03 -28.84 8.07
C ARG D 148 15.42 -28.88 9.56
N LYS D 149 15.27 -30.02 10.24
CA LYS D 149 15.67 -30.15 11.68
C LYS D 149 17.18 -29.89 11.82
N LYS D 150 17.95 -30.21 10.76
CA LYS D 150 19.42 -29.99 10.67
C LYS D 150 19.69 -28.51 10.38
N GLY D 151 19.13 -27.99 9.30
CA GLY D 151 19.28 -26.57 8.87
C GLY D 151 18.88 -25.56 9.94
N ARG D 152 17.83 -25.86 10.72
CA ARG D 152 17.33 -25.06 11.87
C ARG D 152 18.40 -24.95 12.95
N LEU D 153 19.22 -26.00 13.11
CA LEU D 153 20.33 -26.01 14.09
C LEU D 153 21.46 -25.17 13.53
N LYS D 154 21.79 -25.33 12.24
CA LYS D 154 22.84 -24.49 11.59
C LYS D 154 22.42 -23.01 11.71
N SER D 155 21.12 -22.74 11.64
CA SER D 155 20.50 -21.38 11.73
C SER D 155 20.59 -20.83 13.17
N LYS D 156 20.09 -21.58 14.17
CA LYS D 156 20.17 -21.23 15.62
C LYS D 156 21.62 -20.95 16.04
N GLU D 157 22.53 -21.87 15.70
CA GLU D 157 23.99 -21.78 15.96
C GLU D 157 24.52 -20.46 15.38
N MET D 158 24.14 -20.11 14.15
CA MET D 158 24.61 -18.84 13.49
C MET D 158 24.21 -17.63 14.33
N ALA D 159 22.95 -17.51 14.74
CA ALA D 159 22.40 -16.41 15.56
C ALA D 159 23.31 -16.17 16.77
N GLU D 160 23.76 -17.28 17.39
CA GLU D 160 24.61 -17.34 18.62
C GLU D 160 26.03 -16.84 18.33
N VAL D 161 26.75 -17.43 17.37
CA VAL D 161 28.02 -16.86 16.82
C VAL D 161 27.90 -15.34 16.67
N LEU D 162 26.78 -14.85 16.11
CA LEU D 162 26.65 -13.44 15.62
C LEU D 162 26.58 -12.47 16.81
N THR D 163 25.98 -12.87 17.94
CA THR D 163 26.05 -12.13 19.24
C THR D 163 27.52 -12.00 19.70
N LEU D 164 28.29 -13.09 19.70
CA LEU D 164 29.77 -13.11 19.94
C LEU D 164 30.12 -12.18 21.10
N GLU E 2 20.37 8.38 34.49
CA GLU E 2 19.33 9.12 33.73
C GLU E 2 20.01 10.11 32.77
N LYS E 3 21.15 9.70 32.20
CA LYS E 3 21.90 10.44 31.14
C LYS E 3 22.36 9.39 30.10
N LYS E 4 22.26 9.73 28.81
CA LYS E 4 22.52 8.77 27.71
C LYS E 4 23.26 9.47 26.57
N PHE E 5 24.14 8.76 25.89
CA PHE E 5 24.90 9.33 24.75
C PHE E 5 23.98 9.35 23.53
N MET E 6 24.39 10.10 22.53
CA MET E 6 23.60 10.27 21.30
C MET E 6 23.64 8.97 20.51
N ARG E 7 24.82 8.35 20.35
CA ARG E 7 24.93 7.06 19.61
C ARG E 7 23.89 6.04 20.13
N GLU E 8 23.35 6.19 21.34
CA GLU E 8 22.37 5.23 21.91
C GLU E 8 20.94 5.49 21.38
N SER E 9 20.80 6.41 20.42
CA SER E 9 19.48 6.71 19.84
C SER E 9 19.60 6.75 18.32
N LYS E 10 20.82 6.59 17.80
CA LYS E 10 21.02 6.66 16.33
C LYS E 10 20.23 5.55 15.66
N ALA E 11 19.61 5.87 14.52
CA ALA E 11 18.81 4.92 13.72
C ALA E 11 19.08 5.22 12.25
N ILE E 12 19.27 4.18 11.44
CA ILE E 12 19.56 4.35 9.99
C ILE E 12 18.50 3.62 9.17
N LYS E 13 18.12 4.21 8.04
CA LYS E 13 17.14 3.65 7.06
C LYS E 13 17.61 3.95 5.63
N THR E 14 18.07 2.92 4.93
CA THR E 14 18.40 3.01 3.49
C THR E 14 17.27 2.32 2.76
N THR E 15 16.76 2.95 1.69
CA THR E 15 15.61 2.51 0.89
C THR E 15 15.92 2.83 -0.57
N ARG E 16 15.24 2.13 -1.46
CA ARG E 16 15.27 2.51 -2.88
C ARG E 16 14.05 3.42 -3.12
N VAL E 17 14.05 4.12 -4.23
CA VAL E 17 12.97 5.09 -4.58
C VAL E 17 11.95 4.32 -5.44
N PHE E 18 10.68 4.32 -5.04
CA PHE E 18 9.63 3.46 -5.65
C PHE E 18 8.85 4.32 -6.63
N PRO E 19 8.35 3.76 -7.75
CA PRO E 19 7.73 4.56 -8.80
C PRO E 19 6.40 5.22 -8.41
N ASN E 20 5.58 4.62 -7.54
CA ASN E 20 4.39 5.29 -6.92
C ASN E 20 4.72 6.70 -6.41
N ASP E 21 5.79 6.84 -5.62
CA ASP E 21 6.09 8.08 -4.85
C ASP E 21 6.81 9.08 -5.77
N LEU E 22 6.96 8.77 -7.06
CA LEU E 22 7.52 9.72 -8.07
C LEU E 22 6.41 10.64 -8.54
N ASN E 23 6.79 11.86 -8.91
CA ASN E 23 5.81 12.89 -9.35
C ASN E 23 5.85 12.91 -10.86
N ASN E 24 5.20 13.89 -11.48
CA ASN E 24 5.08 13.90 -12.95
C ASN E 24 6.43 14.12 -13.63
N HIS E 25 7.44 14.54 -12.88
CA HIS E 25 8.76 14.79 -13.51
C HIS E 25 9.73 13.66 -13.21
N GLN E 26 9.20 12.50 -12.81
CA GLN E 26 10.04 11.29 -12.55
C GLN E 26 11.03 11.60 -11.42
N THR E 27 10.58 12.35 -10.42
CA THR E 27 11.40 12.71 -9.23
C THR E 27 10.56 12.51 -7.95
N LEU E 28 11.18 12.45 -6.77
CA LEU E 28 10.48 12.00 -5.55
C LEU E 28 9.61 13.13 -5.00
N PHE E 29 8.42 12.79 -4.50
CA PHE E 29 7.47 13.69 -3.78
C PHE E 29 8.09 14.14 -2.46
N GLY E 30 7.98 15.42 -2.16
CA GLY E 30 8.54 16.03 -0.92
C GLY E 30 7.93 15.42 0.31
N GLY E 31 6.67 15.01 0.20
CA GLY E 31 5.90 14.49 1.34
C GLY E 31 6.30 13.08 1.66
N LYS E 32 6.94 12.38 0.72
CA LYS E 32 7.44 11.02 1.01
C LYS E 32 8.66 11.19 1.91
N LEU E 33 9.58 12.05 1.49
CA LEU E 33 10.78 12.42 2.24
C LEU E 33 10.39 12.85 3.65
N LEU E 34 9.30 13.60 3.82
CA LEU E 34 8.83 14.06 5.16
C LEU E 34 8.26 12.88 5.95
N ALA E 35 7.48 12.02 5.32
CA ALA E 35 6.88 10.85 6.00
C ALA E 35 8.01 9.98 6.58
N GLU E 36 9.06 9.73 5.80
CA GLU E 36 10.24 8.89 6.17
C GLU E 36 11.01 9.56 7.32
N ILE E 37 11.36 10.84 7.14
CA ILE E 37 12.00 11.66 8.21
C ILE E 37 11.22 11.47 9.50
N ASP E 38 9.89 11.57 9.50
CA ASP E 38 9.15 11.40 10.77
C ASP E 38 9.35 9.97 11.30
N SER E 39 9.29 8.94 10.47
CA SER E 39 9.24 7.54 10.97
C SER E 39 10.59 7.16 11.61
N ILE E 40 11.71 7.60 11.02
CA ILE E 40 13.08 7.28 11.52
C ILE E 40 13.32 8.10 12.78
N ALA E 41 12.84 9.35 12.82
CA ALA E 41 13.03 10.21 14.01
C ALA E 41 12.19 9.62 15.14
N SER E 42 11.08 8.96 14.81
CA SER E 42 10.17 8.38 15.83
C SER E 42 10.87 7.20 16.50
N ILE E 43 11.71 6.46 15.77
CA ILE E 43 12.41 5.29 16.35
C ILE E 43 13.47 5.80 17.35
N ALA E 44 14.35 6.69 16.92
CA ALA E 44 15.37 7.38 17.75
C ALA E 44 14.73 7.85 19.07
N ALA E 45 13.67 8.62 19.00
CA ALA E 45 13.02 9.19 20.20
C ALA E 45 12.58 8.06 21.13
N ALA E 46 12.21 6.91 20.57
CA ALA E 46 11.74 5.74 21.35
C ALA E 46 12.99 5.05 21.91
N ARG E 47 13.96 4.79 21.03
CA ARG E 47 15.22 4.17 21.46
C ARG E 47 15.67 4.88 22.73
N HIS E 48 15.55 6.20 22.75
CA HIS E 48 16.18 7.03 23.79
C HIS E 48 15.26 7.16 24.99
N SER E 49 13.97 7.39 24.79
CA SER E 49 13.07 7.61 25.95
C SER E 49 12.78 6.26 26.63
N ARG E 50 12.74 5.18 25.84
CA ARG E 50 12.13 3.87 26.21
C ARG E 50 10.71 4.16 26.72
N LYS E 51 10.03 5.10 26.06
CA LYS E 51 8.59 5.38 26.27
C LYS E 51 7.96 5.70 24.92
N HIS E 52 6.63 5.67 24.88
CA HIS E 52 5.85 5.85 23.63
C HIS E 52 5.70 7.35 23.41
N CYS E 53 6.18 7.83 22.26
CA CYS E 53 6.39 9.27 21.91
C CYS E 53 5.37 9.71 20.85
N VAL E 54 5.25 11.03 20.65
CA VAL E 54 4.39 11.70 19.63
C VAL E 54 5.19 12.88 19.06
N THR E 55 4.88 13.28 17.85
CA THR E 55 5.54 14.40 17.11
C THR E 55 4.91 15.71 17.55
N ALA E 56 5.71 16.68 18.00
CA ALA E 56 5.20 17.96 18.50
C ALA E 56 5.37 19.02 17.41
N SER E 57 6.47 18.98 16.65
CA SER E 57 6.78 19.98 15.59
C SER E 57 7.81 19.40 14.63
N ILE E 58 7.89 19.98 13.45
CA ILE E 58 9.04 19.80 12.53
C ILE E 58 9.52 21.21 12.16
N ASP E 59 10.82 21.48 12.22
CA ASP E 59 11.36 22.81 11.79
C ASP E 59 11.18 22.86 10.27
N SER E 60 11.38 24.01 9.65
CA SER E 60 11.33 24.14 8.17
C SER E 60 12.34 23.16 7.61
N VAL E 61 12.07 22.58 6.45
CA VAL E 61 12.98 21.69 5.71
C VAL E 61 13.13 22.29 4.31
N ASP E 62 14.37 22.42 3.86
CA ASP E 62 14.74 22.94 2.53
C ASP E 62 15.27 21.75 1.70
N PHE E 63 14.56 21.42 0.62
CA PHE E 63 14.89 20.31 -0.32
C PHE E 63 15.94 20.84 -1.29
N LEU E 64 17.20 20.49 -1.05
CA LEU E 64 18.37 21.07 -1.77
C LEU E 64 18.59 20.32 -3.10
N THR E 65 18.22 19.05 -3.19
CA THR E 65 18.49 18.24 -4.41
C THR E 65 17.27 17.44 -4.82
N PRO E 66 16.93 17.41 -6.12
CA PRO E 66 15.90 16.50 -6.62
C PRO E 66 16.43 15.06 -6.57
N ILE E 67 15.58 14.10 -6.19
CA ILE E 67 15.92 12.65 -6.01
C ILE E 67 15.26 11.86 -7.14
N HIS E 68 16.05 11.20 -7.99
CA HIS E 68 15.57 10.55 -9.24
C HIS E 68 15.30 9.07 -9.00
N GLN E 69 14.75 8.38 -10.01
CA GLN E 69 14.21 7.00 -9.93
C GLN E 69 15.28 6.00 -9.48
N ALA E 70 16.55 6.15 -9.90
CA ALA E 70 17.67 5.21 -9.72
C ALA E 70 18.56 5.53 -8.50
N ASP E 71 18.16 6.51 -7.67
CA ASP E 71 18.91 6.92 -6.44
C ASP E 71 18.47 6.01 -5.28
N SER E 72 19.33 5.86 -4.26
CA SER E 72 18.99 5.32 -2.92
C SER E 72 18.78 6.51 -2.00
N VAL E 73 18.21 6.30 -0.84
CA VAL E 73 18.09 7.46 0.06
C VAL E 73 18.40 6.93 1.44
N CYS E 74 19.38 7.53 2.13
CA CYS E 74 19.78 7.14 3.51
C CYS E 74 19.25 8.16 4.51
N TYR E 75 18.44 7.72 5.47
CA TYR E 75 17.95 8.57 6.58
C TYR E 75 18.76 8.17 7.82
N GLU E 76 19.31 9.16 8.52
CA GLU E 76 20.16 8.94 9.71
C GLU E 76 19.64 9.88 10.78
N ALA E 77 19.09 9.34 11.86
CA ALA E 77 18.42 10.15 12.90
C ALA E 77 19.03 9.81 14.25
N PHE E 78 19.24 10.82 15.10
CA PHE E 78 19.65 10.67 16.52
C PHE E 78 19.09 11.84 17.35
N VAL E 79 18.84 11.60 18.64
CA VAL E 79 18.45 12.67 19.61
C VAL E 79 19.68 13.55 19.91
N CYS E 80 19.53 14.86 19.91
CA CYS E 80 20.64 15.83 19.89
C CYS E 80 20.41 16.98 20.90
N TYR E 81 19.28 17.00 21.59
CA TYR E 81 18.96 17.96 22.66
C TYR E 81 17.63 17.59 23.33
N THR E 82 17.60 17.67 24.65
CA THR E 82 16.40 17.35 25.48
C THR E 82 16.02 18.55 26.34
N GLY E 83 14.82 18.45 26.90
CA GLY E 83 14.33 19.22 28.05
C GLY E 83 13.74 18.21 29.04
N LYS E 84 12.56 18.51 29.57
CA LYS E 84 11.93 17.65 30.59
C LYS E 84 11.19 16.51 29.91
N SER E 85 10.24 16.84 29.03
CA SER E 85 9.45 15.77 28.36
C SER E 85 9.73 15.76 26.86
N SER E 86 10.47 16.74 26.36
CA SER E 86 10.70 16.87 24.90
C SER E 86 12.07 16.33 24.52
N MET E 87 12.18 15.82 23.28
CA MET E 87 13.42 15.30 22.69
C MET E 87 13.46 15.89 21.30
N GLU E 88 14.63 16.38 20.90
CA GLU E 88 14.84 17.05 19.61
C GLU E 88 15.83 16.18 18.83
N VAL E 89 15.34 15.58 17.72
CA VAL E 89 16.06 14.63 16.81
C VAL E 89 16.56 15.37 15.56
N PHE E 90 17.83 15.17 15.22
CA PHE E 90 18.45 15.66 13.97
C PHE E 90 18.29 14.54 12.96
N VAL E 91 17.90 14.88 11.73
CA VAL E 91 17.75 13.90 10.64
C VAL E 91 18.52 14.48 9.46
N LYS E 92 19.53 13.75 8.98
CA LYS E 92 20.25 14.10 7.75
C LYS E 92 19.86 13.02 6.73
N VAL E 93 19.47 13.47 5.53
CA VAL E 93 18.97 12.61 4.45
C VAL E 93 20.01 12.67 3.34
N ILE E 94 20.56 11.53 2.96
CA ILE E 94 21.56 11.56 1.87
C ILE E 94 21.08 10.65 0.73
N ALA E 95 21.15 11.16 -0.50
CA ALA E 95 20.69 10.53 -1.78
C ALA E 95 21.90 10.08 -2.61
N GLU E 96 22.06 8.76 -2.84
CA GLU E 96 23.22 8.16 -3.56
C GLU E 96 22.76 7.54 -4.88
N ASN E 97 23.20 8.09 -6.02
CA ASN E 97 22.98 7.55 -7.38
C ASN E 97 23.68 6.19 -7.47
N LEU E 98 22.93 5.09 -7.47
CA LEU E 98 23.50 3.71 -7.34
C LEU E 98 24.44 3.39 -8.50
N LEU E 99 24.27 4.04 -9.65
CA LEU E 99 25.14 3.75 -10.83
C LEU E 99 26.36 4.66 -10.83
N ALA E 100 26.15 5.96 -10.61
CA ALA E 100 27.29 6.90 -10.61
C ALA E 100 28.06 6.84 -9.29
N GLY E 101 27.39 6.46 -8.20
CA GLY E 101 28.05 6.37 -6.88
C GLY E 101 28.33 7.73 -6.29
N GLU E 102 27.68 8.79 -6.76
CA GLU E 102 28.01 10.15 -6.26
C GLU E 102 26.87 10.66 -5.36
N ARG E 103 27.20 10.93 -4.09
CA ARG E 103 26.20 11.38 -3.09
C ARG E 103 26.08 12.90 -3.06
N ARG E 104 25.06 13.37 -2.35
CA ARG E 104 24.69 14.80 -2.15
C ARG E 104 23.75 14.80 -0.93
N ILE E 105 23.72 15.84 -0.10
CA ILE E 105 22.72 16.00 0.99
C ILE E 105 21.40 16.52 0.39
N ALA E 106 20.28 15.86 0.63
CA ALA E 106 18.97 16.22 0.03
C ALA E 106 18.20 17.12 0.99
N ALA E 107 18.44 16.92 2.29
CA ALA E 107 17.84 17.73 3.36
C ALA E 107 18.38 17.34 4.73
N THR E 108 18.23 18.26 5.67
CA THR E 108 18.46 18.00 7.09
C THR E 108 17.24 18.55 7.83
N CYS E 109 16.96 18.03 9.02
CA CYS E 109 15.68 18.28 9.67
C CYS E 109 15.88 18.13 11.17
N PHE E 110 15.51 19.15 11.93
CA PHE E 110 15.31 19.12 13.40
C PHE E 110 13.83 18.85 13.65
N ILE E 111 13.51 17.70 14.21
CA ILE E 111 12.11 17.31 14.45
C ILE E 111 11.95 17.02 15.95
N THR E 112 10.92 17.54 16.59
CA THR E 112 10.73 17.41 18.07
C THR E 112 9.64 16.38 18.38
N PHE E 113 9.99 15.39 19.22
CA PHE E 113 9.06 14.39 19.83
C PHE E 113 8.94 14.67 21.33
N VAL E 114 7.77 14.33 21.89
CA VAL E 114 7.43 14.46 23.33
C VAL E 114 7.02 13.10 23.86
N ALA E 115 7.69 12.63 24.90
CA ALA E 115 7.43 11.33 25.57
C ALA E 115 6.16 11.53 26.36
N ILE E 116 5.30 10.52 26.41
CA ILE E 116 3.93 10.69 26.94
C ILE E 116 3.52 9.38 27.61
N LYS E 117 3.31 9.41 28.93
CA LYS E 117 2.90 8.19 29.67
C LYS E 117 1.59 8.47 30.40
N ASP E 118 0.58 7.64 30.18
CA ASP E 118 -0.74 7.80 30.84
C ASP E 118 -1.31 9.19 30.53
N GLY E 119 -1.60 9.46 29.26
CA GLY E 119 -2.29 10.68 28.81
C GLY E 119 -1.59 12.01 29.08
N LYS E 120 -0.41 12.04 29.74
CA LYS E 120 0.33 13.31 30.03
C LYS E 120 1.83 13.15 29.76
N PRO E 121 2.51 14.23 29.29
CA PRO E 121 3.94 14.18 28.98
C PRO E 121 4.76 13.57 30.11
N SER E 122 5.76 12.73 29.80
CA SER E 122 6.56 12.02 30.82
C SER E 122 8.05 12.35 30.71
N SER E 123 8.72 12.18 31.84
CA SER E 123 10.16 12.43 32.05
C SER E 123 11.02 11.69 31.01
N VAL E 124 12.16 12.27 30.65
CA VAL E 124 13.09 11.71 29.63
C VAL E 124 14.53 11.93 30.09
N PRO E 125 15.43 10.93 29.94
CA PRO E 125 16.87 11.12 30.16
C PRO E 125 17.46 12.36 29.49
N GLN E 126 18.63 12.82 29.93
CA GLN E 126 19.36 13.89 29.22
C GLN E 126 20.36 13.25 28.25
N VAL E 127 20.84 14.05 27.32
CA VAL E 127 21.64 13.57 26.16
C VAL E 127 23.06 14.03 26.45
N LEU E 128 24.02 13.24 26.03
CA LEU E 128 25.44 13.60 26.22
C LEU E 128 26.14 13.48 24.86
N PRO E 129 26.65 14.58 24.27
CA PRO E 129 27.39 14.52 23.02
C PRO E 129 28.74 13.81 23.11
N GLU E 130 29.34 13.48 21.96
CA GLU E 130 30.65 12.79 22.02
C GLU E 130 31.58 13.32 20.93
N THR E 131 31.07 13.51 19.72
CA THR E 131 31.92 13.99 18.61
C THR E 131 31.84 15.51 18.51
N GLN E 132 32.59 16.09 17.57
CA GLN E 132 32.56 17.55 17.34
C GLN E 132 31.13 17.89 16.91
N GLU E 133 30.70 17.24 15.84
CA GLU E 133 29.32 17.34 15.28
C GLU E 133 28.33 17.25 16.44
N GLU E 134 28.32 16.13 17.17
CA GLU E 134 27.38 15.96 18.32
C GLU E 134 27.48 17.15 19.30
N HIS E 135 28.69 17.65 19.59
CA HIS E 135 28.89 18.76 20.56
C HIS E 135 28.26 20.02 19.99
N TRP E 136 28.57 20.31 18.72
CA TRP E 136 28.02 21.44 17.91
C TRP E 136 26.49 21.51 17.98
N LEU E 137 25.82 20.40 17.69
CA LEU E 137 24.34 20.32 17.69
C LEU E 137 23.83 20.45 19.13
N HIS E 138 24.58 20.01 20.14
CA HIS E 138 24.12 20.13 21.55
C HIS E 138 24.12 21.60 21.98
N LYS E 139 25.22 22.34 21.75
CA LYS E 139 25.40 23.71 22.32
C LYS E 139 24.32 24.61 21.71
N THR E 140 24.01 24.34 20.46
CA THR E 140 23.13 25.17 19.60
C THR E 140 21.66 24.80 19.87
N GLY E 141 21.42 23.69 20.59
CA GLY E 141 20.08 23.22 20.98
C GLY E 141 19.26 24.30 21.69
N LEU E 142 19.80 24.87 22.77
CA LEU E 142 19.10 25.86 23.62
C LEU E 142 18.49 26.94 22.69
N GLU E 143 19.30 27.50 21.77
CA GLU E 143 18.89 28.60 20.86
C GLU E 143 17.73 28.12 19.97
N ARG E 144 17.84 26.92 19.39
CA ARG E 144 16.74 26.30 18.57
C ARG E 144 15.48 26.11 19.44
N ALA E 145 15.60 25.56 20.64
CA ALA E 145 14.48 25.39 21.60
C ALA E 145 13.77 26.73 21.77
N GLU E 146 14.52 27.83 21.86
CA GLU E 146 13.91 29.14 22.17
C GLU E 146 12.97 29.53 21.03
N ASN E 147 13.42 29.47 19.77
CA ASN E 147 12.58 29.85 18.60
C ASN E 147 11.33 28.98 18.51
N ARG E 148 11.44 27.71 18.89
CA ARG E 148 10.29 26.79 18.85
C ARG E 148 9.20 27.31 19.76
N LYS E 149 9.57 27.53 21.03
CA LYS E 149 8.65 28.07 22.08
C LYS E 149 7.83 29.23 21.48
N LYS E 150 8.44 30.05 20.60
CA LYS E 150 7.83 31.29 20.03
C LYS E 150 6.90 30.96 18.84
N GLY E 151 7.45 30.43 17.74
CA GLY E 151 6.69 29.99 16.56
C GLY E 151 5.46 29.19 16.97
N ARG E 152 5.57 28.40 18.06
CA ARG E 152 4.45 27.60 18.63
C ARG E 152 3.32 28.59 18.95
N LEU E 153 3.64 29.68 19.64
CA LEU E 153 2.66 30.73 20.02
C LEU E 153 2.01 31.29 18.74
N LYS E 154 2.82 31.66 17.73
CA LYS E 154 2.29 32.17 16.44
C LYS E 154 1.32 31.14 15.83
N SER E 155 1.68 29.86 15.94
CA SER E 155 0.91 28.71 15.40
C SER E 155 -0.39 28.53 16.19
N LYS E 156 -0.37 28.64 17.52
CA LYS E 156 -1.63 28.53 18.31
C LYS E 156 -2.44 29.82 18.14
N GLU E 157 -1.77 30.96 17.94
CA GLU E 157 -2.39 32.29 17.63
C GLU E 157 -3.18 32.13 16.33
N MET E 158 -2.48 31.74 15.26
CA MET E 158 -3.07 31.55 13.90
C MET E 158 -4.25 30.56 13.94
N ALA E 159 -4.30 29.66 14.92
CA ALA E 159 -5.36 28.64 15.00
C ALA E 159 -6.61 29.24 15.65
N GLU E 160 -6.43 30.18 16.60
CA GLU E 160 -7.54 30.90 17.29
C GLU E 160 -8.18 31.86 16.27
N VAL E 161 -7.34 32.63 15.60
CA VAL E 161 -7.81 33.65 14.63
C VAL E 161 -8.36 33.01 13.36
N LEU E 162 -7.82 31.89 12.92
CA LEU E 162 -8.36 31.30 11.66
C LEU E 162 -9.75 30.77 11.93
N THR E 163 -10.05 30.62 13.22
CA THR E 163 -11.34 30.15 13.79
C THR E 163 -11.17 30.03 15.31
N GLU F 2 0.00 37.69 -16.62
CA GLU F 2 -1.43 37.43 -16.33
C GLU F 2 -1.60 37.05 -14.85
N LYS F 3 -2.84 36.90 -14.38
CA LYS F 3 -3.05 36.61 -12.94
C LYS F 3 -4.42 36.01 -12.65
N LYS F 4 -4.47 35.17 -11.60
CA LYS F 4 -5.65 34.38 -11.15
C LYS F 4 -5.94 34.79 -9.70
N PHE F 5 -7.19 34.58 -9.28
CA PHE F 5 -7.66 34.70 -7.89
C PHE F 5 -7.21 33.45 -7.12
N MET F 6 -7.10 33.60 -5.81
CA MET F 6 -6.66 32.51 -4.91
C MET F 6 -7.60 31.31 -5.02
N ARG F 7 -8.92 31.53 -5.05
CA ARG F 7 -9.93 30.44 -5.02
C ARG F 7 -9.88 29.60 -6.31
N GLU F 8 -9.13 30.02 -7.33
CA GLU F 8 -8.95 29.24 -8.59
C GLU F 8 -7.93 28.12 -8.39
N SER F 9 -7.24 28.11 -7.24
CA SER F 9 -6.19 27.12 -6.90
C SER F 9 -6.60 26.31 -5.65
N LYS F 10 -7.66 26.72 -4.96
CA LYS F 10 -8.26 25.94 -3.84
C LYS F 10 -8.35 24.45 -4.21
N ALA F 11 -7.92 23.59 -3.28
CA ALA F 11 -8.01 22.11 -3.33
C ALA F 11 -8.45 21.62 -1.95
N ILE F 12 -9.34 20.65 -1.91
CA ILE F 12 -9.85 20.10 -0.62
C ILE F 12 -9.72 18.59 -0.64
N LYS F 13 -9.28 18.02 0.48
CA LYS F 13 -9.15 16.56 0.66
C LYS F 13 -9.65 16.21 2.05
N THR F 14 -10.83 15.60 2.14
CA THR F 14 -11.38 14.99 3.37
C THR F 14 -11.20 13.46 3.27
N THR F 15 -10.90 12.79 4.39
CA THR F 15 -10.22 11.46 4.40
C THR F 15 -10.49 10.72 5.71
N ARG F 16 -10.52 9.40 5.62
CA ARG F 16 -10.62 8.51 6.80
C ARG F 16 -9.26 8.53 7.53
N VAL F 17 -9.21 8.16 8.81
CA VAL F 17 -7.94 7.88 9.51
C VAL F 17 -7.80 6.36 9.62
N PHE F 18 -6.93 5.79 8.79
CA PHE F 18 -6.74 4.33 8.60
C PHE F 18 -5.85 3.80 9.72
N PRO F 19 -6.04 2.54 10.17
CA PRO F 19 -5.41 2.02 11.39
C PRO F 19 -3.92 1.68 11.26
N ASN F 20 -3.41 1.58 10.02
CA ASN F 20 -1.97 1.39 9.68
C ASN F 20 -1.19 2.69 9.94
N ASP F 21 -1.83 3.86 9.78
CA ASP F 21 -1.18 5.19 9.99
C ASP F 21 -1.24 5.56 11.48
N LEU F 22 -1.69 4.66 12.36
CA LEU F 22 -1.73 4.92 13.83
C LEU F 22 -0.44 4.42 14.48
N ASN F 23 -0.19 4.88 15.70
CA ASN F 23 0.94 4.49 16.57
C ASN F 23 0.39 3.66 17.73
N ASN F 24 1.24 3.36 18.72
CA ASN F 24 0.93 2.42 19.83
C ASN F 24 -0.21 2.99 20.67
N HIS F 25 -0.40 4.32 20.60
CA HIS F 25 -1.44 5.03 21.38
C HIS F 25 -2.71 5.23 20.58
N GLN F 26 -2.88 4.53 19.46
CA GLN F 26 -4.10 4.70 18.62
C GLN F 26 -4.23 6.19 18.28
N THR F 27 -3.17 6.78 17.75
CA THR F 27 -3.08 8.20 17.33
C THR F 27 -2.31 8.35 16.01
N LEU F 28 -2.67 9.35 15.18
CA LEU F 28 -2.13 9.47 13.80
C LEU F 28 -0.66 9.86 13.86
N PHE F 29 0.18 9.22 13.04
CA PHE F 29 1.60 9.57 12.81
C PHE F 29 1.68 10.98 12.19
N GLY F 30 2.53 11.84 12.74
CA GLY F 30 2.82 13.20 12.25
C GLY F 30 3.23 13.23 10.79
N GLY F 31 3.94 12.19 10.36
CA GLY F 31 4.58 12.17 9.03
C GLY F 31 3.56 11.90 7.95
N LYS F 32 2.43 11.28 8.34
CA LYS F 32 1.27 11.02 7.46
C LYS F 32 0.63 12.38 7.16
N LEU F 33 0.29 13.14 8.21
CA LEU F 33 -0.19 14.54 8.09
C LEU F 33 0.72 15.29 7.11
N LEU F 34 2.05 15.26 7.31
CA LEU F 34 2.98 15.99 6.42
C LEU F 34 2.84 15.43 5.01
N ALA F 35 2.77 14.12 4.83
CA ALA F 35 2.58 13.49 3.51
C ALA F 35 1.31 14.05 2.82
N GLU F 36 0.16 14.00 3.49
CA GLU F 36 -1.15 14.51 3.00
C GLU F 36 -1.04 16.00 2.64
N ILE F 37 -0.54 16.81 3.59
CA ILE F 37 -0.23 18.25 3.35
C ILE F 37 0.59 18.41 2.06
N ASP F 38 1.69 17.69 1.86
CA ASP F 38 2.46 17.92 0.62
C ASP F 38 1.54 17.69 -0.58
N SER F 39 0.72 16.63 -0.53
CA SER F 39 0.04 16.12 -1.75
C SER F 39 -1.07 17.11 -2.13
N ILE F 40 -1.86 17.59 -1.17
CA ILE F 40 -3.00 18.50 -1.48
C ILE F 40 -2.45 19.85 -1.94
N ALA F 41 -1.34 20.31 -1.37
CA ALA F 41 -0.69 21.58 -1.79
C ALA F 41 -0.09 21.42 -3.18
N SER F 42 0.35 20.22 -3.56
CA SER F 42 0.91 20.01 -4.92
C SER F 42 -0.21 20.18 -5.98
N ILE F 43 -1.47 19.94 -5.61
CA ILE F 43 -2.59 20.10 -6.57
C ILE F 43 -2.82 21.61 -6.75
N ALA F 44 -3.12 22.31 -5.65
CA ALA F 44 -3.20 23.78 -5.62
C ALA F 44 -2.07 24.41 -6.47
N ALA F 45 -0.84 23.95 -6.33
CA ALA F 45 0.24 24.55 -7.12
C ALA F 45 -0.03 24.30 -8.60
N ALA F 46 -0.20 23.05 -9.01
CA ALA F 46 -0.45 22.74 -10.43
C ALA F 46 -1.65 23.50 -10.95
N ARG F 47 -2.77 23.45 -10.23
CA ARG F 47 -4.04 24.10 -10.64
C ARG F 47 -3.74 25.55 -11.00
N HIS F 48 -2.90 26.20 -10.21
CA HIS F 48 -2.57 27.62 -10.47
C HIS F 48 -1.45 27.74 -11.50
N SER F 49 -0.37 26.99 -11.34
CA SER F 49 0.79 27.11 -12.28
C SER F 49 0.42 26.68 -13.68
N ARG F 50 -0.33 25.58 -13.78
CA ARG F 50 -0.64 24.87 -15.06
C ARG F 50 0.68 24.36 -15.65
N LYS F 51 1.58 23.89 -14.77
CA LYS F 51 2.91 23.34 -15.13
C LYS F 51 3.33 22.33 -14.06
N HIS F 52 4.44 21.63 -14.28
CA HIS F 52 4.99 20.64 -13.32
C HIS F 52 5.70 21.40 -12.20
N CYS F 53 5.21 21.23 -10.97
CA CYS F 53 5.71 21.84 -9.72
C CYS F 53 6.54 20.83 -8.90
N VAL F 54 7.30 21.35 -7.94
CA VAL F 54 8.17 20.53 -7.05
C VAL F 54 8.19 21.23 -5.69
N THR F 55 8.12 20.48 -4.59
CA THR F 55 8.20 21.15 -3.27
C THR F 55 9.61 21.71 -3.12
N ALA F 56 9.73 22.95 -2.68
CA ALA F 56 11.06 23.58 -2.55
C ALA F 56 11.44 23.63 -1.08
N SER F 57 10.44 23.78 -0.23
CA SER F 57 10.60 23.86 1.25
C SER F 57 9.25 23.69 1.94
N ILE F 58 9.31 23.44 3.24
CA ILE F 58 8.11 23.45 4.12
C ILE F 58 8.50 24.28 5.35
N ASP F 59 7.62 25.18 5.80
CA ASP F 59 7.84 25.98 7.04
C ASP F 59 7.69 25.03 8.22
N SER F 60 8.08 25.44 9.43
CA SER F 60 7.88 24.60 10.63
C SER F 60 6.37 24.36 10.70
N VAL F 61 5.95 23.23 11.24
CA VAL F 61 4.54 22.84 11.45
C VAL F 61 4.42 22.40 12.91
N ASP F 62 3.46 23.00 13.61
CA ASP F 62 3.16 22.75 15.03
C ASP F 62 1.86 21.93 15.09
N PHE F 63 1.95 20.69 15.57
CA PHE F 63 0.85 19.71 15.74
C PHE F 63 0.10 20.03 17.03
N LEU F 64 -0.95 20.83 16.93
CA LEU F 64 -1.72 21.35 18.09
C LEU F 64 -2.58 20.25 18.71
N THR F 65 -3.07 19.29 17.94
CA THR F 65 -4.02 18.28 18.49
C THR F 65 -3.66 16.88 18.03
N PRO F 66 -3.81 15.88 18.92
CA PRO F 66 -3.78 14.48 18.51
C PRO F 66 -5.03 14.19 17.68
N ILE F 67 -4.88 13.30 16.69
CA ILE F 67 -5.96 12.83 15.78
C ILE F 67 -6.17 11.34 16.07
N HIS F 68 -7.34 10.95 16.60
CA HIS F 68 -7.68 9.56 17.02
C HIS F 68 -8.37 8.84 15.86
N GLN F 69 -8.48 7.51 15.90
CA GLN F 69 -8.91 6.66 14.74
C GLN F 69 -10.38 6.96 14.38
N ALA F 70 -11.14 7.54 15.31
CA ALA F 70 -12.56 7.94 15.18
C ALA F 70 -12.71 9.21 14.33
N ASP F 71 -11.68 10.06 14.26
CA ASP F 71 -11.70 11.42 13.67
C ASP F 71 -11.71 11.30 12.14
N SER F 72 -12.11 12.35 11.42
CA SER F 72 -11.88 12.57 9.97
C SER F 72 -10.86 13.69 9.78
N VAL F 73 -10.31 13.87 8.60
CA VAL F 73 -9.27 14.91 8.39
C VAL F 73 -9.66 15.70 7.15
N CYS F 74 -9.90 17.00 7.28
CA CYS F 74 -10.01 17.87 6.11
C CYS F 74 -8.69 18.62 5.93
N TYR F 75 -8.10 18.52 4.73
CA TYR F 75 -6.97 19.34 4.24
C TYR F 75 -7.49 20.32 3.19
N GLU F 76 -7.20 21.60 3.39
CA GLU F 76 -7.67 22.71 2.54
C GLU F 76 -6.43 23.50 2.14
N ALA F 77 -6.09 23.52 0.86
CA ALA F 77 -4.91 24.21 0.31
C ALA F 77 -5.33 25.21 -0.77
N PHE F 78 -4.59 26.31 -0.87
CA PHE F 78 -4.68 27.31 -1.96
C PHE F 78 -3.40 28.13 -1.97
N VAL F 79 -3.04 28.65 -3.15
CA VAL F 79 -1.83 29.52 -3.29
C VAL F 79 -2.13 30.90 -2.70
N CYS F 80 -1.15 31.57 -2.09
CA CYS F 80 -1.43 32.86 -1.41
C CYS F 80 -0.30 33.90 -1.47
N TYR F 81 0.93 33.57 -1.87
CA TYR F 81 1.94 34.54 -2.38
C TYR F 81 2.65 33.89 -3.57
N THR F 82 3.37 34.69 -4.37
CA THR F 82 4.19 34.21 -5.51
C THR F 82 5.41 35.13 -5.69
N GLY F 83 6.35 34.67 -6.51
CA GLY F 83 7.44 35.47 -7.08
C GLY F 83 7.48 35.18 -8.57
N LYS F 84 8.61 34.72 -9.10
CA LYS F 84 8.78 34.52 -10.56
C LYS F 84 8.32 33.09 -10.88
N SER F 85 9.03 32.07 -10.38
CA SER F 85 8.67 30.65 -10.61
C SER F 85 8.05 30.02 -9.35
N SER F 86 8.07 30.70 -8.21
CA SER F 86 7.72 30.11 -6.90
C SER F 86 6.28 30.48 -6.56
N MET F 87 5.68 29.69 -5.68
CA MET F 87 4.27 29.74 -5.26
C MET F 87 4.27 29.24 -3.82
N GLU F 88 3.74 30.04 -2.93
CA GLU F 88 3.63 29.70 -1.51
C GLU F 88 2.18 29.31 -1.26
N VAL F 89 1.96 28.07 -0.82
CA VAL F 89 0.62 27.47 -0.54
C VAL F 89 0.36 27.43 0.97
N PHE F 90 -0.84 27.79 1.37
CA PHE F 90 -1.33 27.73 2.77
C PHE F 90 -2.22 26.50 2.86
N VAL F 91 -2.05 25.75 3.95
CA VAL F 91 -2.82 24.51 4.17
C VAL F 91 -3.32 24.55 5.61
N LYS F 92 -4.64 24.50 5.80
CA LYS F 92 -5.23 24.30 7.14
C LYS F 92 -5.75 22.87 7.19
N VAL F 93 -5.49 22.22 8.32
CA VAL F 93 -5.84 20.80 8.58
C VAL F 93 -6.85 20.85 9.69
N ILE F 94 -8.03 20.29 9.48
CA ILE F 94 -9.07 20.35 10.55
C ILE F 94 -9.56 18.92 10.84
N ALA F 95 -9.60 18.54 12.11
CA ALA F 95 -9.89 17.17 12.61
C ALA F 95 -11.29 17.13 13.24
N GLU F 96 -12.19 16.35 12.64
CA GLU F 96 -13.62 16.25 13.03
C GLU F 96 -13.87 14.86 13.62
N ASN F 97 -14.39 14.79 14.84
CA ASN F 97 -14.78 13.50 15.48
C ASN F 97 -16.12 13.07 14.90
N LEU F 98 -16.12 12.14 13.93
CA LEU F 98 -17.28 11.74 13.09
C LEU F 98 -18.56 11.61 13.93
N LEU F 99 -18.48 10.90 15.05
CA LEU F 99 -19.66 10.53 15.89
C LEU F 99 -20.02 11.63 16.90
N ALA F 100 -19.35 12.77 16.82
CA ALA F 100 -19.64 13.91 17.72
C ALA F 100 -19.42 15.20 16.96
N GLY F 101 -18.70 15.13 15.83
CA GLY F 101 -18.42 16.31 15.00
C GLY F 101 -17.90 17.48 15.82
N GLU F 102 -16.91 17.24 16.68
CA GLU F 102 -16.32 18.33 17.50
C GLU F 102 -15.02 18.77 16.84
N ARG F 103 -15.14 19.66 15.86
CA ARG F 103 -14.00 20.14 15.05
C ARG F 103 -12.99 20.95 15.86
N ARG F 104 -11.74 20.84 15.45
CA ARG F 104 -10.56 21.57 15.96
C ARG F 104 -9.56 21.69 14.80
N ILE F 105 -8.69 22.69 14.81
CA ILE F 105 -7.56 22.81 13.84
C ILE F 105 -6.36 22.00 14.38
N ALA F 106 -5.89 21.02 13.62
CA ALA F 106 -4.81 20.11 14.07
C ALA F 106 -3.48 20.74 13.69
N ALA F 107 -3.47 21.51 12.61
CA ALA F 107 -2.24 22.16 12.13
C ALA F 107 -2.53 23.08 10.96
N THR F 108 -1.57 23.92 10.66
CA THR F 108 -1.61 24.88 9.54
C THR F 108 -0.18 24.93 9.03
N CYS F 109 -0.02 25.18 7.75
CA CYS F 109 1.28 24.95 7.09
C CYS F 109 1.38 25.89 5.90
N PHE F 110 2.48 26.63 5.82
CA PHE F 110 2.91 27.37 4.61
C PHE F 110 3.92 26.46 3.93
N ILE F 111 3.69 26.09 2.67
CA ILE F 111 4.61 25.17 1.96
C ILE F 111 4.91 25.83 0.62
N THR F 112 6.16 25.85 0.19
CA THR F 112 6.60 26.58 -1.04
C THR F 112 6.88 25.58 -2.16
N PHE F 113 6.19 25.74 -3.31
CA PHE F 113 6.42 24.95 -4.54
C PHE F 113 7.03 25.84 -5.60
N VAL F 114 7.65 25.20 -6.59
CA VAL F 114 8.35 25.91 -7.69
C VAL F 114 8.01 25.22 -9.00
N ALA F 115 7.45 25.99 -9.93
CA ALA F 115 7.08 25.54 -11.29
C ALA F 115 8.39 25.29 -12.02
N ILE F 116 8.39 24.33 -12.94
CA ILE F 116 9.61 23.78 -13.59
C ILE F 116 9.26 23.48 -15.04
N LYS F 117 9.99 24.07 -15.98
CA LYS F 117 9.76 23.74 -17.41
C LYS F 117 11.11 23.42 -18.04
N ASP F 118 11.24 22.21 -18.60
CA ASP F 118 12.45 21.68 -19.29
C ASP F 118 13.66 21.91 -18.38
N GLY F 119 13.70 21.22 -17.24
CA GLY F 119 14.81 21.30 -16.26
C GLY F 119 14.84 22.57 -15.41
N LYS F 120 14.46 23.74 -15.94
CA LYS F 120 14.70 25.02 -15.23
C LYS F 120 13.38 25.54 -14.65
N PRO F 121 13.45 26.38 -13.59
CA PRO F 121 12.28 27.11 -13.08
C PRO F 121 11.58 27.89 -14.19
N SER F 122 10.29 28.18 -14.01
CA SER F 122 9.41 28.67 -15.09
C SER F 122 8.36 29.65 -14.54
N SER F 123 8.03 30.63 -15.38
CA SER F 123 7.09 31.74 -15.13
C SER F 123 5.78 31.21 -14.51
N VAL F 124 5.21 31.95 -13.56
CA VAL F 124 3.97 31.58 -12.82
C VAL F 124 3.13 32.83 -12.58
N PRO F 125 1.79 32.79 -12.80
CA PRO F 125 0.92 33.95 -12.60
C PRO F 125 0.99 34.61 -11.22
N GLN F 126 0.42 35.80 -11.11
CA GLN F 126 0.30 36.55 -9.84
C GLN F 126 -1.02 36.15 -9.15
N VAL F 127 -1.08 36.28 -7.84
CA VAL F 127 -2.27 35.82 -7.08
C VAL F 127 -3.00 37.06 -6.59
N LEU F 128 -4.33 37.00 -6.62
CA LEU F 128 -5.16 38.14 -6.19
C LEU F 128 -6.03 37.69 -5.02
N PRO F 129 -5.95 38.35 -3.86
CA PRO F 129 -6.78 38.00 -2.72
C PRO F 129 -8.23 38.44 -2.93
N GLU F 130 -9.16 37.92 -2.14
CA GLU F 130 -10.55 38.42 -2.33
C GLU F 130 -11.21 38.62 -0.97
N THR F 131 -10.67 38.04 0.09
CA THR F 131 -11.34 38.12 1.41
C THR F 131 -10.35 38.55 2.49
N GLN F 132 -10.84 38.74 3.72
CA GLN F 132 -9.99 39.17 4.85
C GLN F 132 -8.82 38.20 4.96
N GLU F 133 -9.15 36.91 5.11
CA GLU F 133 -8.08 35.90 5.28
C GLU F 133 -7.17 35.99 4.06
N GLU F 134 -7.76 35.88 2.88
CA GLU F 134 -6.98 35.93 1.63
C GLU F 134 -6.15 37.23 1.62
N HIS F 135 -6.78 38.39 1.84
CA HIS F 135 -6.08 39.71 1.88
C HIS F 135 -4.98 39.59 2.94
N TRP F 136 -5.34 39.13 4.16
CA TRP F 136 -4.44 38.93 5.33
C TRP F 136 -3.16 38.19 4.93
N LEU F 137 -3.30 36.93 4.49
CA LEU F 137 -2.15 36.03 4.22
C LEU F 137 -1.32 36.67 3.11
N HIS F 138 -1.97 37.32 2.14
CA HIS F 138 -1.27 37.94 0.98
C HIS F 138 -0.28 39.02 1.45
N LYS F 139 -0.69 39.92 2.36
CA LYS F 139 0.16 41.06 2.79
C LYS F 139 1.39 40.51 3.52
N THR F 140 1.18 39.58 4.44
CA THR F 140 2.20 38.92 5.29
C THR F 140 3.12 38.02 4.44
N GLY F 141 2.72 37.72 3.20
CA GLY F 141 3.46 36.88 2.25
C GLY F 141 4.91 37.32 2.06
N LEU F 142 5.13 38.64 2.02
CA LEU F 142 6.46 39.25 1.72
C LEU F 142 7.43 38.89 2.86
N GLU F 143 7.08 39.28 4.09
CA GLU F 143 7.87 39.01 5.32
C GLU F 143 8.29 37.54 5.26
N ARG F 144 7.30 36.63 5.16
CA ARG F 144 7.53 35.16 5.14
C ARG F 144 8.47 34.77 3.99
N ALA F 145 8.34 35.36 2.80
CA ALA F 145 9.23 35.08 1.64
C ALA F 145 10.66 35.45 1.99
N GLU F 146 10.85 36.50 2.79
CA GLU F 146 12.19 37.03 3.18
C GLU F 146 12.83 36.06 4.17
N ASN F 147 12.16 35.74 5.29
CA ASN F 147 12.61 34.79 6.35
C ASN F 147 12.97 33.42 5.75
N ARG F 148 12.18 32.95 4.78
CA ARG F 148 12.43 31.70 3.98
C ARG F 148 13.82 31.81 3.32
N LYS F 149 14.07 32.94 2.66
CA LYS F 149 15.31 33.21 1.91
C LYS F 149 16.53 33.08 2.83
N LYS F 150 16.38 33.45 4.10
CA LYS F 150 17.46 33.34 5.11
C LYS F 150 17.72 31.86 5.37
N GLY F 151 16.74 31.14 5.90
CA GLY F 151 16.83 29.71 6.22
C GLY F 151 17.48 28.89 5.14
N ARG F 152 17.07 29.07 3.88
CA ARG F 152 17.67 28.35 2.74
C ARG F 152 19.19 28.49 2.82
N LEU F 153 19.69 29.68 3.15
CA LEU F 153 21.17 29.85 3.23
C LEU F 153 21.65 29.05 4.45
N LYS F 154 20.97 29.22 5.59
CA LYS F 154 21.28 28.46 6.81
C LYS F 154 21.31 26.96 6.46
N SER F 155 20.34 26.51 5.65
CA SER F 155 20.14 25.10 5.27
C SER F 155 21.24 24.64 4.30
N LYS F 156 21.62 25.50 3.35
CA LYS F 156 22.76 25.25 2.43
C LYS F 156 24.07 25.23 3.22
N GLU F 157 24.20 26.11 4.23
CA GLU F 157 25.37 26.25 5.15
C GLU F 157 25.56 24.88 5.83
N MET F 158 24.54 24.40 6.53
CA MET F 158 24.56 23.10 7.26
C MET F 158 24.93 21.94 6.31
N ALA F 159 24.65 22.02 5.02
CA ALA F 159 24.91 20.95 4.03
C ALA F 159 26.38 20.87 3.64
N GLU F 160 27.02 22.02 3.36
CA GLU F 160 28.48 22.13 3.08
C GLU F 160 29.22 21.57 4.29
N VAL F 161 28.87 22.09 5.48
CA VAL F 161 29.59 21.80 6.75
C VAL F 161 29.47 20.33 7.14
N LEU F 162 28.55 19.55 6.57
CA LEU F 162 28.32 18.13 6.99
C LEU F 162 28.90 17.14 5.95
N THR F 163 28.87 15.84 6.28
CA THR F 163 29.40 14.69 5.47
C THR F 163 28.31 14.18 4.49
#